data_8XZA
#
_entry.id   8XZA
#
_cell.length_a   1.00
_cell.length_b   1.00
_cell.length_c   1.00
_cell.angle_alpha   90.00
_cell.angle_beta   90.00
_cell.angle_gamma   90.00
#
_symmetry.space_group_name_H-M   'P 1'
#
loop_
_entity.id
_entity.type
_entity.pdbx_description
1 polymer 'Spike glycoprotein'
2 polymer 'Angiotensin-converting enzyme'
3 non-polymer 2-acetamido-2-deoxy-beta-D-glucopyranose
4 non-polymer 'ZINC ION'
5 non-polymer 'CHLORIDE ION'
#
loop_
_entity_poly.entity_id
_entity_poly.type
_entity_poly.pdbx_seq_one_letter_code
_entity_poly.pdbx_strand_id
1 'polypeptide(L)'
;ATMFVFLVLLPLVSSQCVMPLFNLITTTQSYTNSFTRGVYYPDKVFRSSVLHLTQDLFLPFFSNVTWFHAISGTNGTKRF
DNPVLPFNDGVYFASTEKSNIIRGWIFGTTLDSKTQSLLIVNNATNVFIKVCEFQFCNDPFLDVYHKNNKSWMESESGVY
SSANNCTFEYVSQPFLMDLEGKQGNFKNLREFVFKNIDGYFKIYSKHTPIIGRDFPQGFSALEPLVDLPIGINITRFQTL
LALNRSYLTPGDSSSGWTAGAADYYVGYLQPRTFLLKYNENGTITDAVDCALDPLSETKCTLKSFTVEKGIYQTSNFRVQ
PTESIVRFPNVTNLCPFHEVFNATRFASVYAWNRTRISNCVADYSVLYNFAPFFAFKCYGVSPTKLNDLCFTNVYADSFV
IKGNEVSQIAPGQTGNIADYNYKLPDDFTGCVIAWNSNKLDSKHSGNYDYWYRLFRKSKLKPFERDISTEIYQAGNKPCK
GKGPNCYFPLQSYGFRPTYGVGHQPYRVVVLSFELLHAPATVCGPKKSTNLVKNKCVNFNFNGLTGTGVLTKSNKKFLPF
QQFGRDIVDTTDAVRDPQTLEILDITPCSFGGVSVITPGTNTSNQVAVLYQGVNCTEVSVAIHADQLTPTWRVYSTGSNV
FQTRAGCLIGAEYVNNSYECDIPIGAGICASYQTQTKSRRAAASVASQSIIAYTMSLGAENSVAYSNNSIAIPTNFTISV
TTEILPVSMTKTSVDCTMYICGDSTECSNLLLQYGSFCTQLKRALTGIAVEQDKNTQEVFAQVKQIYKTPPIKYFGGFNF
SQILPDPSKPSKRSPIEDLLFNKVTLADAGFIKQYGDCLGDIAARDLICAQKFNGLTVLPPLLTDEMIAQYTSALLAGTI
TSGWTFGAGPALQIPFPMQMAYRFNGIGVTQNVLYENQKLIANQFNSAIGKIQDSLFSTPSALGKLQDVVNHNAQALNTL
VKQLSSKFGAISSVLNDILSRLDPPEAEVQIDRLITGRLQSLQTYVTQQLIRAAEIRASANLAATKMSECVLGQSKRVDF
CGKGYHLMSFPQSAPHGVVFLHVTYVPAQEKNFTTAPAICHDGKAHFPREGVFVSNGTHWFVTQRNFYEPQIITTDNTFV
SGNCDVVIGIVNNTVYDPLQLELDSFKEELDKYFKNHTSPDVDLGDISGINASVVNIQKEIDRLNEVAKNLNESLIDLQE
LGKYEQ
;
B
2 'polypeptide(L)'
;MTGSFWLLLSLVAVTAAQSTTEEQAKTFLEKFNHEAEDLSYQSSLASWNYNTNITDENVQKMNEARAKWSAFYEEQSRMA
KTYSLEEIQNLTLKRQLKALQHSGTSALSAEKSKRLNTILNKMSTIYSTGKVLDPNTQECLALEPGLDDIMENSRDYNRR
LWAWEGWRAEVGKQLRPLYEEYVVLENEMARANNYEDYGDYWRGDYEVTGAGDYDYSRDQLMKDVERTFAEIKPLYEQLH
AYVRAKLMHTYPSYISPTGCLPAHLLGDMWGRFWTNLYSLTVPFEHKPSIDVTEKMENQSWDAERIFKEAEKFFVSISLP
YMTQGFWDNSMLTEPGDGRKVVCHPTAWDLGKGDFRIKMCTKVTMDDFLTAHHEMGHIQYDMAYAAQPYLLRNGANEGFH
EAVGEIMSLSAATPHYLKALGLLAPDFHEDNETEINFLLKQALTIVGTLPFTYMLEKWRWMVFKGEIPKQQWMEKWWEMK
REIVGVVEPLPHDETYCDPACLFHVAEDYSFIRYYTRTIYQFQFHEALCKTAKHEGALFKCDISNSTEAGQRLLQMLRLG
KSEPWTLALENIVGIKTMDVKPLLNYFEPLFTWLKEQNRNSFVGWSTEWTPYSDQSIKVRISLKSALGENAYEWNDNEMY
LFQSSVAYAMRKYFSEARNETVLFGEDNVWVSDKKPRISFKFFVTSPNNVSDIIPRTEVENAIRLSRDRFNDVFQLDDNS
LEFLGIQPTLGPPYEPPVTIWLIIFGVVMGVVVIGIVVLIFTGIRNRRKKNQASSEENPYGSVDLNKGENNSGFQNIDDV
QTSL
;
A
#
# COMPACT_ATOMS: atom_id res chain seq x y z
N THR A 332 27.11 -54.02 8.68
CA THR A 332 26.94 -52.58 8.80
C THR A 332 26.57 -51.96 7.46
N ASN A 333 25.44 -52.42 6.90
CA ASN A 333 24.95 -51.86 5.65
C ASN A 333 24.11 -50.62 5.91
N LEU A 334 24.65 -49.46 5.53
CA LEU A 334 23.99 -48.18 5.74
C LEU A 334 22.77 -48.06 4.83
N CYS A 335 21.84 -47.22 5.25
CA CYS A 335 20.57 -47.13 4.57
C CYS A 335 20.55 -45.87 3.70
N PRO A 336 19.85 -45.89 2.53
CA PRO A 336 19.90 -44.77 1.58
C PRO A 336 19.22 -43.50 2.07
N PHE A 337 19.53 -43.09 3.30
CA PHE A 337 19.11 -41.78 3.76
C PHE A 337 19.76 -40.66 2.95
N HIS A 338 21.02 -40.86 2.57
CA HIS A 338 21.68 -39.88 1.70
C HIS A 338 20.98 -39.81 0.35
N GLU A 339 20.62 -40.96 -0.22
CA GLU A 339 19.97 -40.98 -1.52
C GLU A 339 18.48 -40.65 -1.47
N VAL A 340 17.91 -40.48 -0.28
CA VAL A 340 16.54 -39.99 -0.19
C VAL A 340 16.55 -38.51 0.16
N PHE A 341 17.64 -38.03 0.76
CA PHE A 341 17.77 -36.63 1.16
C PHE A 341 18.60 -35.81 0.19
N ASN A 342 19.03 -36.38 -0.93
CA ASN A 342 19.89 -35.66 -1.86
C ASN A 342 19.43 -35.85 -3.30
N ALA A 343 18.12 -36.01 -3.51
CA ALA A 343 17.57 -36.18 -4.85
C ALA A 343 17.48 -34.81 -5.53
N THR A 344 16.91 -34.79 -6.74
CA THR A 344 16.81 -33.56 -7.52
C THR A 344 15.40 -33.23 -7.98
N ARG A 345 14.46 -34.12 -7.67
CA ARG A 345 13.07 -33.79 -7.99
C ARG A 345 12.05 -34.32 -7.00
N PHE A 346 12.29 -34.14 -5.70
CA PHE A 346 11.32 -34.56 -4.69
C PHE A 346 9.89 -34.29 -5.12
N ALA A 347 9.13 -35.35 -5.38
CA ALA A 347 7.73 -35.18 -5.82
C ALA A 347 6.89 -34.42 -4.82
N SER A 348 6.05 -33.51 -5.31
CA SER A 348 5.24 -32.68 -4.40
C SER A 348 4.18 -33.44 -3.62
N VAL A 349 3.44 -32.75 -2.77
CA VAL A 349 2.44 -33.39 -1.91
C VAL A 349 1.50 -34.34 -2.64
N TYR A 350 1.19 -33.88 -3.86
CA TYR A 350 0.33 -34.69 -4.74
C TYR A 350 0.85 -36.00 -5.33
N ALA A 351 1.99 -36.49 -4.87
CA ALA A 351 2.48 -37.82 -5.24
C ALA A 351 3.27 -37.96 -4.00
N TRP A 352 2.64 -38.48 -2.96
CA TRP A 352 3.32 -38.52 -1.72
C TRP A 352 4.75 -39.14 -1.78
N ASN A 353 5.23 -39.59 -2.94
CA ASN A 353 6.55 -40.17 -3.08
C ASN A 353 7.02 -40.83 -1.81
N ARG A 354 6.50 -42.02 -1.51
CA ARG A 354 6.86 -42.75 -0.28
C ARG A 354 7.86 -43.84 -0.49
N THR A 355 8.97 -43.74 0.19
CA THR A 355 9.98 -44.74 0.10
C THR A 355 9.93 -45.70 1.29
N ARG A 356 10.25 -46.96 1.05
CA ARG A 356 10.15 -47.96 2.10
C ARG A 356 11.53 -48.26 2.67
N ILE A 357 11.60 -48.45 3.98
CA ILE A 357 12.86 -48.68 4.69
C ILE A 357 12.79 -50.04 5.37
N SER A 358 13.73 -50.91 5.01
CA SER A 358 13.91 -52.21 5.65
C SER A 358 15.37 -52.61 5.49
N ASN A 359 15.77 -53.65 6.21
CA ASN A 359 17.14 -54.17 6.27
C ASN A 359 18.18 -53.06 6.27
N CYS A 360 17.89 -51.99 6.99
CA CYS A 360 18.77 -50.83 7.11
C CYS A 360 19.36 -50.77 8.51
N VAL A 361 20.42 -49.98 8.64
CA VAL A 361 20.85 -49.46 9.93
C VAL A 361 20.58 -47.96 9.93
N ALA A 362 19.89 -47.48 10.95
CA ALA A 362 19.36 -46.12 10.97
C ALA A 362 20.36 -45.19 11.64
N ASP A 363 21.38 -44.81 10.88
CA ASP A 363 22.29 -43.76 11.35
C ASP A 363 21.55 -42.44 11.39
N TYR A 364 21.52 -41.82 12.57
CA TYR A 364 20.74 -40.61 12.78
C TYR A 364 21.59 -39.36 12.97
N SER A 365 22.91 -39.48 12.89
CA SER A 365 23.75 -38.29 12.87
C SER A 365 23.58 -37.53 11.56
N VAL A 366 23.28 -38.24 10.47
CA VAL A 366 22.95 -37.58 9.21
C VAL A 366 21.63 -36.82 9.34
N LEU A 367 20.69 -37.35 10.12
CA LEU A 367 19.45 -36.63 10.39
C LEU A 367 19.66 -35.37 11.24
N TYR A 368 20.85 -35.20 11.82
CA TYR A 368 21.15 -34.05 12.65
C TYR A 368 22.02 -33.02 11.95
N ASN A 369 23.11 -33.46 11.31
CA ASN A 369 24.04 -32.53 10.69
C ASN A 369 23.54 -31.99 9.35
N PHE A 370 22.69 -32.74 8.64
CA PHE A 370 22.25 -32.36 7.31
C PHE A 370 21.36 -31.12 7.38
N ALA A 371 21.85 -30.01 6.83
CA ALA A 371 21.14 -28.74 6.68
C ALA A 371 20.82 -28.10 8.03
N PRO A 372 20.71 -26.77 8.08
CA PRO A 372 20.29 -26.12 9.34
C PRO A 372 18.88 -26.48 9.77
N PHE A 373 18.05 -26.98 8.86
CA PHE A 373 16.67 -27.39 9.15
C PHE A 373 15.78 -26.22 9.54
N PHE A 374 14.47 -26.43 9.46
CA PHE A 374 13.49 -25.46 9.88
C PHE A 374 12.37 -26.04 10.75
N ALA A 375 12.11 -27.35 10.66
CA ALA A 375 11.06 -27.97 11.45
C ALA A 375 11.51 -29.38 11.82
N PHE A 376 11.58 -29.66 13.11
CA PHE A 376 12.04 -30.96 13.61
C PHE A 376 11.16 -31.40 14.77
N LYS A 377 9.85 -31.26 14.61
CA LYS A 377 8.91 -31.68 15.65
C LYS A 377 8.69 -33.18 15.57
N CYS A 378 8.95 -33.87 16.68
CA CYS A 378 8.68 -35.29 16.82
C CYS A 378 7.52 -35.50 17.77
N TYR A 379 6.69 -36.49 17.47
CA TYR A 379 5.44 -36.70 18.19
C TYR A 379 5.43 -37.98 19.00
N GLY A 380 5.66 -39.13 18.37
CA GLY A 380 5.56 -40.40 19.08
C GLY A 380 6.89 -40.94 19.58
N VAL A 381 7.99 -40.35 19.14
CA VAL A 381 9.32 -40.80 19.49
C VAL A 381 10.12 -39.60 19.96
N SER A 382 10.86 -39.79 21.06
CA SER A 382 11.74 -38.73 21.54
C SER A 382 12.79 -38.40 20.49
N PRO A 383 13.11 -37.12 20.28
CA PRO A 383 14.06 -36.77 19.20
C PRO A 383 15.50 -37.15 19.49
N THR A 384 15.84 -37.51 20.73
CA THR A 384 17.20 -37.92 21.04
C THR A 384 17.28 -39.35 21.59
N LYS A 385 16.24 -39.82 22.26
CA LYS A 385 16.18 -41.22 22.70
C LYS A 385 15.46 -42.06 21.65
N LEU A 386 16.07 -42.15 20.47
CA LEU A 386 15.46 -42.87 19.36
C LEU A 386 16.45 -43.87 18.76
N ASN A 387 17.74 -43.63 18.95
CA ASN A 387 18.75 -44.55 18.44
C ASN A 387 18.73 -45.88 19.18
N ASP A 388 18.17 -45.92 20.38
CA ASP A 388 18.08 -47.14 21.17
C ASP A 388 16.83 -47.96 20.84
N LEU A 389 16.22 -47.73 19.68
CA LEU A 389 15.01 -48.41 19.28
C LEU A 389 15.26 -49.15 17.96
N CYS A 390 14.60 -50.28 17.81
CA CYS A 390 14.66 -51.07 16.58
C CYS A 390 13.26 -51.21 16.01
N PHE A 391 13.12 -50.92 14.72
CA PHE A 391 11.84 -50.81 14.06
C PHE A 391 11.69 -51.84 12.95
N THR A 392 10.44 -52.20 12.65
CA THR A 392 10.18 -53.14 11.58
C THR A 392 10.31 -52.47 10.22
N ASN A 393 9.48 -51.45 9.94
CA ASN A 393 9.53 -50.72 8.69
C ASN A 393 9.40 -49.23 8.97
N VAL A 394 10.01 -48.44 8.10
CA VAL A 394 9.93 -46.98 8.17
C VAL A 394 9.52 -46.45 6.80
N TYR A 395 8.55 -45.54 6.79
CA TYR A 395 8.08 -44.93 5.55
C TYR A 395 8.46 -43.46 5.53
N ALA A 396 9.18 -43.06 4.50
CA ALA A 396 9.59 -41.68 4.30
C ALA A 396 8.86 -41.13 3.07
N ASP A 397 8.07 -40.06 3.25
CA ASP A 397 7.37 -39.42 2.13
C ASP A 397 8.13 -38.17 1.76
N SER A 398 8.21 -37.80 0.48
CA SER A 398 9.08 -36.66 0.07
C SER A 398 8.58 -35.46 -0.76
N PHE A 399 7.99 -34.48 -0.12
CA PHE A 399 7.36 -33.43 -0.88
C PHE A 399 8.01 -32.10 -1.08
N VAL A 400 7.21 -31.09 -1.44
CA VAL A 400 7.68 -29.71 -1.56
C VAL A 400 6.47 -28.85 -1.12
N ILE A 401 6.54 -28.05 -0.07
CA ILE A 401 5.42 -27.19 0.25
C ILE A 401 5.95 -25.80 0.56
N LYS A 402 5.02 -24.87 0.82
CA LYS A 402 5.38 -23.51 1.19
C LYS A 402 5.56 -23.42 2.71
N GLY A 403 5.83 -22.20 3.19
CA GLY A 403 6.20 -22.05 4.60
C GLY A 403 5.08 -22.42 5.55
N ASN A 404 3.86 -21.93 5.29
CA ASN A 404 2.76 -22.17 6.21
C ASN A 404 2.40 -23.65 6.30
N GLU A 405 2.41 -24.34 5.16
CA GLU A 405 2.04 -25.76 5.16
C GLU A 405 3.02 -26.61 5.97
N VAL A 406 4.26 -26.13 6.13
CA VAL A 406 5.22 -26.87 6.95
C VAL A 406 4.73 -26.96 8.39
N SER A 407 4.30 -25.83 8.96
CA SER A 407 3.70 -25.87 10.28
C SER A 407 2.33 -26.53 10.24
N GLN A 408 1.67 -26.52 9.07
CA GLN A 408 0.36 -27.14 8.97
C GLN A 408 0.44 -28.66 9.09
N ILE A 409 1.52 -29.27 8.61
CA ILE A 409 1.67 -30.72 8.68
C ILE A 409 1.80 -31.11 10.15
N ALA A 410 0.77 -31.73 10.70
CA ALA A 410 0.73 -32.12 12.11
C ALA A 410 -0.53 -32.96 12.32
N PRO A 411 -0.57 -33.76 13.38
CA PRO A 411 -1.79 -34.53 13.66
C PRO A 411 -2.94 -33.62 14.08
N GLY A 412 -4.09 -33.84 13.46
CA GLY A 412 -5.28 -33.04 13.75
C GLY A 412 -5.15 -31.60 13.30
N GLN A 413 -4.98 -31.41 11.99
CA GLN A 413 -4.86 -30.06 11.44
C GLN A 413 -5.80 -29.88 10.25
N THR A 414 -6.06 -28.63 9.88
CA THR A 414 -6.98 -28.31 8.80
C THR A 414 -6.31 -27.35 7.83
N GLY A 415 -6.86 -27.27 6.63
CA GLY A 415 -6.36 -26.41 5.58
C GLY A 415 -6.32 -27.11 4.24
N ASN A 416 -5.76 -26.40 3.26
CA ASN A 416 -5.78 -26.90 1.89
C ASN A 416 -4.71 -27.95 1.62
N ILE A 417 -3.74 -28.12 2.53
CA ILE A 417 -2.73 -29.17 2.36
C ILE A 417 -2.91 -30.30 3.38
N ALA A 418 -3.61 -30.05 4.49
CA ALA A 418 -3.81 -31.06 5.51
C ALA A 418 -5.14 -31.78 5.36
N ASP A 419 -5.91 -31.46 4.32
CA ASP A 419 -7.18 -32.11 4.10
C ASP A 419 -7.42 -32.54 2.66
N TYR A 420 -6.68 -32.01 1.68
CA TYR A 420 -6.91 -32.37 0.29
C TYR A 420 -5.72 -33.03 -0.38
N ASN A 421 -4.50 -32.89 0.14
CA ASN A 421 -3.33 -33.46 -0.49
C ASN A 421 -2.60 -34.45 0.40
N TYR A 422 -2.36 -34.11 1.66
CA TYR A 422 -1.64 -34.98 2.58
C TYR A 422 -2.24 -34.86 3.97
N LYS A 423 -2.74 -35.97 4.50
CA LYS A 423 -3.34 -36.01 5.82
C LYS A 423 -2.55 -36.94 6.72
N LEU A 424 -2.19 -36.47 7.90
CA LEU A 424 -1.36 -37.22 8.83
C LEU A 424 -2.22 -37.77 9.96
N PRO A 425 -2.16 -39.08 10.21
CA PRO A 425 -3.06 -39.69 11.20
C PRO A 425 -2.81 -39.14 12.60
N ASP A 426 -3.91 -39.07 13.38
CA ASP A 426 -3.82 -38.58 14.74
C ASP A 426 -2.96 -39.48 15.62
N ASP A 427 -2.89 -40.78 15.32
CA ASP A 427 -2.08 -41.72 16.08
C ASP A 427 -0.70 -41.91 15.48
N PHE A 428 -0.25 -40.97 14.66
CA PHE A 428 1.06 -41.06 14.04
C PHE A 428 2.16 -40.93 15.08
N THR A 429 3.17 -41.78 14.97
CA THR A 429 4.32 -41.77 15.87
C THR A 429 5.59 -41.69 15.02
N GLY A 430 6.27 -40.56 15.07
CA GLY A 430 7.48 -40.39 14.28
C GLY A 430 7.97 -38.96 14.34
N CYS A 431 8.75 -38.59 13.33
CA CYS A 431 9.35 -37.27 13.24
C CYS A 431 9.11 -36.69 11.85
N VAL A 432 9.03 -35.36 11.80
CA VAL A 432 8.90 -34.64 10.54
C VAL A 432 10.19 -33.86 10.28
N ILE A 433 10.58 -33.81 9.01
CA ILE A 433 11.80 -33.13 8.59
C ILE A 433 11.43 -32.09 7.55
N ALA A 434 11.89 -30.86 7.73
CA ALA A 434 11.57 -29.78 6.79
C ALA A 434 12.70 -28.77 6.84
N TRP A 435 13.41 -28.74 5.70
CA TRP A 435 14.54 -27.85 5.53
C TRP A 435 14.45 -27.12 4.23
N ASN A 436 14.86 -25.85 4.14
CA ASN A 436 14.61 -25.03 2.92
C ASN A 436 15.45 -25.31 1.73
N SER A 437 14.89 -25.02 0.57
CA SER A 437 15.62 -25.29 -0.62
C SER A 437 15.16 -24.30 -1.52
N ASN A 438 16.01 -23.36 -1.82
CA ASN A 438 15.61 -22.41 -2.82
C ASN A 438 16.62 -22.48 -3.89
N LYS A 439 17.85 -22.15 -3.54
CA LYS A 439 18.92 -22.20 -4.49
C LYS A 439 18.76 -23.49 -5.24
N LEU A 440 18.19 -24.47 -4.57
CA LEU A 440 18.10 -25.75 -5.19
C LEU A 440 16.85 -25.94 -5.98
N ASP A 441 15.73 -25.39 -5.54
CA ASP A 441 14.52 -25.73 -6.27
C ASP A 441 13.81 -24.57 -6.89
N SER A 442 14.06 -23.38 -6.40
CA SER A 442 13.45 -22.29 -7.08
C SER A 442 14.32 -22.05 -8.25
N LYS A 443 13.88 -21.16 -9.09
CA LYS A 443 14.62 -20.89 -10.27
C LYS A 443 14.14 -19.57 -10.77
N HIS A 444 15.04 -18.67 -11.14
CA HIS A 444 14.59 -17.44 -11.73
C HIS A 444 13.67 -17.87 -12.85
N SER A 445 12.78 -17.02 -13.29
CA SER A 445 11.77 -17.39 -14.29
C SER A 445 10.79 -18.31 -13.63
N GLY A 446 11.26 -19.24 -12.82
CA GLY A 446 10.30 -20.01 -12.05
C GLY A 446 10.02 -21.45 -12.22
N ASN A 447 9.53 -22.08 -11.16
CA ASN A 447 9.16 -23.47 -11.25
C ASN A 447 7.69 -23.57 -11.36
N TYR A 448 7.23 -24.62 -12.00
CA TYR A 448 5.83 -24.73 -12.23
C TYR A 448 5.55 -26.17 -12.44
N ASP A 449 6.19 -27.03 -11.65
CA ASP A 449 6.03 -28.46 -11.82
C ASP A 449 5.41 -29.06 -10.58
N TYR A 450 5.77 -28.51 -9.44
CA TYR A 450 5.20 -28.98 -8.20
C TYR A 450 3.75 -28.59 -8.23
N TRP A 451 2.88 -29.58 -8.30
CA TRP A 451 1.46 -29.29 -8.44
C TRP A 451 0.66 -29.86 -7.29
N TYR A 452 -0.27 -29.08 -6.77
CA TYR A 452 -1.02 -29.52 -5.59
C TYR A 452 -2.51 -29.53 -5.82
N ARG A 453 -3.28 -30.05 -4.87
CA ARG A 453 -4.72 -30.17 -5.14
C ARG A 453 -5.55 -29.31 -4.21
N LEU A 454 -6.77 -28.90 -4.63
CA LEU A 454 -7.52 -27.95 -3.81
C LEU A 454 -8.92 -28.43 -3.44
N PHE A 455 -9.62 -29.04 -4.38
CA PHE A 455 -11.01 -29.44 -4.10
C PHE A 455 -11.35 -30.87 -4.48
N ARG A 456 -11.63 -31.72 -3.50
CA ARG A 456 -12.07 -33.07 -3.78
C ARG A 456 -13.52 -33.19 -3.35
N LYS A 457 -14.22 -34.27 -3.68
CA LYS A 457 -15.58 -34.38 -3.20
C LYS A 457 -15.68 -34.37 -1.67
N SER A 458 -14.81 -35.09 -0.99
CA SER A 458 -15.01 -35.35 0.44
C SER A 458 -13.70 -35.13 1.17
N LYS A 459 -13.60 -35.66 2.38
CA LYS A 459 -12.41 -35.54 3.20
C LYS A 459 -11.46 -36.71 2.95
N LEU A 460 -10.20 -36.52 3.34
CA LEU A 460 -9.21 -37.57 3.12
C LEU A 460 -9.18 -38.57 4.27
N LYS A 461 -8.49 -39.65 4.03
CA LYS A 461 -8.05 -40.61 5.02
C LYS A 461 -6.54 -40.56 5.14
N PRO A 462 -5.98 -40.78 6.32
CA PRO A 462 -4.53 -40.65 6.49
C PRO A 462 -3.75 -41.58 5.57
N PHE A 463 -2.62 -41.09 5.06
CA PHE A 463 -1.73 -41.85 4.20
C PHE A 463 -2.46 -42.40 2.98
N GLU A 464 -2.94 -41.48 2.14
CA GLU A 464 -3.71 -41.83 0.96
C GLU A 464 -3.14 -41.10 -0.25
N ARG A 465 -2.92 -41.79 -1.34
CA ARG A 465 -2.48 -41.06 -2.51
C ARG A 465 -3.70 -40.99 -3.31
N ASP A 466 -3.88 -39.96 -4.09
CA ASP A 466 -5.09 -39.69 -4.85
C ASP A 466 -4.78 -38.90 -6.12
N ILE A 467 -3.74 -39.26 -6.82
CA ILE A 467 -3.48 -38.49 -7.98
C ILE A 467 -4.81 -38.67 -8.62
N SER A 468 -5.58 -37.62 -8.71
CA SER A 468 -6.91 -37.75 -9.26
C SER A 468 -7.10 -36.68 -10.26
N THR A 469 -6.45 -36.86 -11.39
CA THR A 469 -6.56 -35.89 -12.42
C THR A 469 -7.99 -35.85 -12.93
N GLU A 470 -8.92 -35.33 -12.15
CA GLU A 470 -10.31 -35.28 -12.55
C GLU A 470 -10.86 -33.90 -12.48
N ILE A 471 -10.89 -33.22 -13.60
CA ILE A 471 -11.48 -31.93 -13.61
C ILE A 471 -12.55 -31.96 -12.60
N TYR A 472 -12.37 -31.19 -11.55
CA TYR A 472 -13.33 -31.17 -10.46
C TYR A 472 -14.54 -30.35 -10.76
N GLN A 473 -15.66 -30.70 -10.15
CA GLN A 473 -16.87 -30.00 -10.50
C GLN A 473 -17.68 -29.60 -9.31
N ALA A 474 -18.81 -28.98 -9.59
CA ALA A 474 -19.69 -28.56 -8.54
C ALA A 474 -20.79 -27.96 -9.31
N GLY A 475 -21.53 -27.09 -8.67
CA GLY A 475 -22.57 -26.39 -9.38
C GLY A 475 -23.63 -27.29 -9.92
N ASN A 476 -23.55 -28.55 -9.57
CA ASN A 476 -24.57 -29.48 -9.99
C ASN A 476 -24.69 -29.63 -11.51
N LYS A 477 -23.82 -28.99 -12.28
CA LYS A 477 -23.83 -29.18 -13.73
C LYS A 477 -22.54 -29.84 -14.04
N PRO A 478 -22.36 -31.08 -13.57
CA PRO A 478 -21.05 -31.69 -13.76
C PRO A 478 -20.70 -31.48 -15.19
N CYS A 479 -19.45 -31.18 -15.47
CA CYS A 479 -19.11 -30.84 -16.83
C CYS A 479 -17.86 -31.47 -17.32
N LYS A 480 -17.65 -31.40 -18.63
CA LYS A 480 -16.41 -31.89 -19.17
C LYS A 480 -15.43 -31.24 -18.27
N GLY A 481 -15.62 -29.95 -18.03
CA GLY A 481 -14.77 -29.27 -17.09
C GLY A 481 -14.08 -27.96 -17.38
N LYS A 482 -13.08 -27.65 -16.56
CA LYS A 482 -12.31 -26.45 -16.74
C LYS A 482 -13.12 -25.43 -17.44
N GLY A 483 -14.19 -25.02 -16.80
CA GLY A 483 -15.00 -23.99 -17.37
C GLY A 483 -15.91 -23.50 -16.30
N PRO A 484 -17.10 -23.10 -16.71
CA PRO A 484 -18.07 -22.61 -15.75
C PRO A 484 -18.09 -23.48 -14.53
N ASN A 485 -17.53 -23.00 -13.44
CA ASN A 485 -17.58 -23.76 -12.21
C ASN A 485 -17.01 -25.12 -12.43
N CYS A 486 -16.19 -25.26 -13.45
CA CYS A 486 -15.55 -26.51 -13.70
C CYS A 486 -14.12 -26.31 -13.40
N TYR A 487 -13.60 -26.93 -12.37
CA TYR A 487 -12.24 -26.63 -12.07
C TYR A 487 -11.34 -27.80 -12.25
N PHE A 488 -10.07 -27.53 -12.37
CA PHE A 488 -9.06 -28.59 -12.43
C PHE A 488 -8.49 -28.85 -11.05
N PRO A 489 -8.46 -30.12 -10.64
CA PRO A 489 -8.02 -30.42 -9.28
C PRO A 489 -6.65 -29.86 -8.96
N LEU A 490 -5.68 -30.00 -9.86
CA LEU A 490 -4.33 -29.59 -9.51
C LEU A 490 -4.19 -28.07 -9.56
N GLN A 491 -3.01 -27.58 -9.21
CA GLN A 491 -2.68 -26.17 -9.22
C GLN A 491 -1.15 -26.10 -9.41
N SER A 492 -0.61 -24.90 -9.54
CA SER A 492 0.83 -24.75 -9.76
C SER A 492 1.47 -24.00 -8.60
N TYR A 493 2.65 -24.47 -8.22
CA TYR A 493 3.50 -23.78 -7.26
C TYR A 493 4.42 -22.86 -8.04
N GLY A 494 4.03 -21.59 -8.14
CA GLY A 494 4.97 -20.60 -8.65
C GLY A 494 6.14 -20.48 -7.70
N PHE A 495 7.29 -21.01 -8.09
CA PHE A 495 8.48 -20.97 -7.27
C PHE A 495 9.56 -20.14 -7.94
N ARG A 496 10.05 -19.13 -7.22
CA ARG A 496 11.06 -18.21 -7.75
C ARG A 496 12.13 -17.97 -6.69
N PRO A 497 13.36 -17.67 -7.07
CA PRO A 497 14.46 -17.63 -6.09
C PRO A 497 14.49 -16.39 -5.22
N THR A 498 13.43 -15.58 -5.20
CA THR A 498 13.48 -14.34 -4.44
C THR A 498 12.34 -14.26 -3.42
N TYR A 499 11.41 -15.20 -3.47
CA TYR A 499 10.30 -15.23 -2.52
C TYR A 499 10.80 -15.27 -1.09
N GLY A 500 10.27 -14.39 -0.24
CA GLY A 500 10.78 -14.26 1.11
C GLY A 500 10.25 -15.27 2.11
N VAL A 501 11.07 -16.27 2.45
CA VAL A 501 10.82 -17.21 3.54
C VAL A 501 9.43 -17.83 3.42
N GLY A 502 8.41 -17.06 3.81
CA GLY A 502 7.04 -17.54 3.97
C GLY A 502 6.52 -18.48 2.89
N HIS A 503 7.02 -18.33 1.67
CA HIS A 503 6.67 -19.24 0.59
C HIS A 503 7.87 -19.70 -0.23
N GLN A 504 9.08 -19.48 0.24
CA GLN A 504 10.26 -20.08 -0.35
C GLN A 504 10.06 -21.59 -0.30
N PRO A 505 10.33 -22.33 -1.38
CA PRO A 505 9.93 -23.74 -1.42
C PRO A 505 10.69 -24.57 -0.40
N TYR A 506 9.98 -25.00 0.63
CA TYR A 506 10.53 -25.88 1.64
C TYR A 506 10.46 -27.34 1.15
N ARG A 507 11.43 -28.13 1.59
CA ARG A 507 11.45 -29.56 1.30
C ARG A 507 11.14 -30.30 2.59
N VAL A 508 9.99 -30.97 2.62
CA VAL A 508 9.52 -31.66 3.82
C VAL A 508 9.47 -33.16 3.54
N VAL A 509 10.04 -33.93 4.45
CA VAL A 509 9.96 -35.38 4.41
C VAL A 509 9.58 -35.87 5.81
N VAL A 510 8.61 -36.77 5.86
CA VAL A 510 8.04 -37.25 7.12
C VAL A 510 8.49 -38.68 7.36
N LEU A 511 8.95 -38.95 8.58
CA LEU A 511 9.42 -40.26 8.98
C LEU A 511 8.34 -40.94 9.79
N SER A 512 7.87 -42.10 9.30
CA SER A 512 6.77 -42.83 9.92
C SER A 512 7.28 -44.13 10.50
N PHE A 513 6.99 -44.36 11.78
CA PHE A 513 7.36 -45.59 12.46
C PHE A 513 6.11 -46.33 12.92
N GLU A 514 6.33 -47.55 13.41
CA GLU A 514 5.27 -48.34 14.02
C GLU A 514 5.88 -49.23 15.09
N LEU A 515 5.32 -49.17 16.30
CA LEU A 515 5.77 -50.00 17.41
C LEU A 515 4.83 -51.20 17.55
N LEU A 516 4.96 -52.12 16.59
CA LEU A 516 4.11 -53.30 16.52
C LEU A 516 4.97 -54.55 16.65
N HIS A 517 4.43 -55.58 17.31
CA HIS A 517 5.17 -56.82 17.53
C HIS A 517 5.36 -57.54 16.20
N ALA A 518 6.61 -57.72 15.82
CA ALA A 518 6.98 -58.26 14.52
C ALA A 518 8.49 -58.48 14.51
N PRO A 519 9.02 -59.21 13.54
CA PRO A 519 10.48 -59.33 13.44
C PRO A 519 11.11 -57.98 13.10
N ALA A 520 11.75 -57.36 14.10
CA ALA A 520 12.32 -56.03 13.93
C ALA A 520 13.60 -56.15 13.11
N THR A 521 13.65 -55.43 11.99
CA THR A 521 14.74 -55.57 11.04
C THR A 521 15.63 -54.34 10.97
N VAL A 522 15.13 -53.17 11.33
CA VAL A 522 15.89 -51.92 11.25
C VAL A 522 16.31 -51.53 12.66
N CYS A 523 17.55 -51.90 13.03
CA CYS A 523 18.09 -51.60 14.34
C CYS A 523 19.19 -50.55 14.20
N GLY A 524 19.48 -49.88 15.31
CA GLY A 524 20.57 -48.94 15.39
C GLY A 524 21.80 -49.57 16.01
N PRO A 525 22.98 -48.98 15.74
CA PRO A 525 24.26 -49.47 16.28
C PRO A 525 24.34 -49.36 17.80
N SER B 19 -23.47 -27.83 -3.52
CA SER B 19 -24.76 -27.68 -4.15
C SER B 19 -25.27 -26.25 -4.04
N THR B 20 -24.83 -25.55 -2.99
CA THR B 20 -25.21 -24.17 -2.76
C THR B 20 -24.18 -23.22 -3.37
N THR B 21 -24.61 -21.99 -3.65
CA THR B 21 -23.76 -21.05 -4.36
C THR B 21 -22.57 -20.62 -3.52
N GLU B 22 -22.69 -20.68 -2.19
CA GLU B 22 -21.61 -20.22 -1.32
C GLU B 22 -20.34 -21.03 -1.54
N GLU B 23 -20.45 -22.37 -1.60
CA GLU B 23 -19.29 -23.20 -1.82
C GLU B 23 -18.71 -23.03 -3.22
N GLN B 24 -19.57 -22.86 -4.23
CA GLN B 24 -19.07 -22.64 -5.59
C GLN B 24 -18.27 -21.35 -5.66
N ALA B 25 -18.79 -20.28 -5.04
CA ALA B 25 -18.07 -19.03 -4.93
C ALA B 25 -16.77 -19.17 -4.16
N LYS B 26 -16.77 -19.95 -3.07
CA LYS B 26 -15.53 -20.18 -2.33
C LYS B 26 -14.48 -20.86 -3.20
N THR B 27 -14.89 -21.84 -3.98
CA THR B 27 -13.95 -22.54 -4.85
C THR B 27 -13.41 -21.59 -5.92
N PHE B 28 -14.29 -20.79 -6.52
CA PHE B 28 -13.83 -19.83 -7.51
C PHE B 28 -12.87 -18.82 -6.89
N LEU B 29 -13.13 -18.43 -5.64
CA LEU B 29 -12.21 -17.53 -4.95
C LEU B 29 -10.86 -18.20 -4.71
N GLU B 30 -10.89 -19.49 -4.40
CA GLU B 30 -9.65 -20.22 -4.21
C GLU B 30 -8.81 -20.02 -5.45
N LYS B 31 -9.40 -20.36 -6.60
CA LYS B 31 -8.69 -20.21 -7.84
C LYS B 31 -8.20 -18.79 -8.02
N PHE B 32 -9.13 -17.84 -8.06
CA PHE B 32 -8.75 -16.45 -8.30
C PHE B 32 -7.56 -16.10 -7.42
N ASN B 33 -7.60 -16.48 -6.15
CA ASN B 33 -6.46 -16.32 -5.26
C ASN B 33 -5.19 -16.85 -5.91
N HIS B 34 -5.14 -18.14 -6.22
CA HIS B 34 -3.85 -18.73 -6.60
C HIS B 34 -3.37 -18.21 -7.96
N GLU B 35 -4.25 -18.24 -8.98
CA GLU B 35 -3.80 -17.78 -10.30
C GLU B 35 -3.49 -16.29 -10.31
N ALA B 36 -4.30 -15.48 -9.63
CA ALA B 36 -4.00 -14.06 -9.52
C ALA B 36 -2.70 -13.82 -8.79
N GLU B 37 -2.41 -14.60 -7.74
CA GLU B 37 -1.11 -14.49 -7.09
C GLU B 37 0.01 -14.70 -8.11
N ASP B 38 -0.05 -15.80 -8.86
CA ASP B 38 1.03 -16.07 -9.81
C ASP B 38 1.18 -14.93 -10.81
N LEU B 39 0.07 -14.52 -11.44
CA LEU B 39 0.14 -13.51 -12.49
C LEU B 39 0.61 -12.17 -11.94
N SER B 40 0.07 -11.76 -10.78
CA SER B 40 0.45 -10.48 -10.19
C SER B 40 1.89 -10.48 -9.76
N TYR B 41 2.42 -11.60 -9.26
CA TYR B 41 3.82 -11.64 -8.89
C TYR B 41 4.66 -11.44 -10.14
N GLN B 42 4.29 -12.11 -11.24
CA GLN B 42 5.02 -11.93 -12.48
C GLN B 42 5.03 -10.45 -12.89
N SER B 43 3.83 -9.85 -12.93
CA SER B 43 3.67 -8.48 -13.40
C SER B 43 4.44 -7.50 -12.53
N SER B 44 4.33 -7.63 -11.20
CA SER B 44 5.00 -6.70 -10.30
C SER B 44 6.51 -6.89 -10.29
N LEU B 45 6.99 -8.13 -10.42
CA LEU B 45 8.44 -8.34 -10.54
C LEU B 45 8.98 -7.65 -11.79
N ALA B 46 8.29 -7.82 -12.92
CA ALA B 46 8.70 -7.09 -14.12
C ALA B 46 8.53 -5.58 -13.98
N SER B 47 7.57 -5.12 -13.17
CA SER B 47 7.48 -3.70 -12.86
C SER B 47 8.72 -3.22 -12.14
N TRP B 48 9.21 -4.02 -11.18
CA TRP B 48 10.44 -3.67 -10.51
C TRP B 48 11.59 -3.64 -11.51
N ASN B 49 11.56 -4.55 -12.48
CA ASN B 49 12.56 -4.54 -13.53
C ASN B 49 12.52 -3.23 -14.31
N TYR B 50 11.32 -2.70 -14.56
CA TYR B 50 11.27 -1.31 -15.02
C TYR B 50 11.97 -0.35 -14.07
N ASN B 51 11.62 -0.42 -12.78
CA ASN B 51 12.02 0.61 -11.84
C ASN B 51 13.54 0.75 -11.81
N THR B 52 14.25 -0.34 -12.11
CA THR B 52 15.71 -0.31 -12.13
C THR B 52 16.26 -0.30 -13.55
N ASN B 53 15.91 -1.28 -14.37
CA ASN B 53 16.48 -1.46 -15.70
C ASN B 53 15.43 -1.13 -16.76
N ILE B 54 15.52 0.09 -17.30
CA ILE B 54 14.47 0.65 -18.13
C ILE B 54 14.73 0.36 -19.61
N THR B 55 15.58 -0.62 -19.90
CA THR B 55 15.90 -0.96 -21.29
C THR B 55 14.65 -1.25 -22.11
N ASP B 56 14.80 -1.17 -23.44
CA ASP B 56 13.64 -1.24 -24.33
C ASP B 56 12.98 -2.61 -24.32
N GLU B 57 13.78 -3.68 -24.18
CA GLU B 57 13.22 -5.02 -24.26
C GLU B 57 12.30 -5.33 -23.08
N ASN B 58 12.70 -4.97 -21.86
CA ASN B 58 11.87 -5.28 -20.71
C ASN B 58 10.57 -4.49 -20.77
N VAL B 59 10.59 -3.34 -21.45
CA VAL B 59 9.38 -2.58 -21.73
C VAL B 59 8.38 -3.54 -22.37
N GLN B 60 8.76 -4.12 -23.50
CA GLN B 60 7.93 -5.14 -24.14
C GLN B 60 7.52 -6.20 -23.13
N LYS B 61 8.50 -6.83 -22.48
CA LYS B 61 8.24 -8.00 -21.64
C LYS B 61 7.01 -7.80 -20.77
N MET B 62 6.94 -6.71 -20.02
CA MET B 62 5.77 -6.62 -19.15
C MET B 62 4.67 -5.75 -19.74
N ASN B 63 4.82 -5.22 -20.96
CA ASN B 63 3.61 -4.92 -21.72
C ASN B 63 2.82 -6.20 -22.00
N GLU B 64 3.51 -7.25 -22.45
CA GLU B 64 2.82 -8.55 -22.56
C GLU B 64 2.38 -9.06 -21.19
N ALA B 65 3.20 -8.88 -20.15
CA ALA B 65 2.82 -9.37 -18.83
C ALA B 65 1.57 -8.66 -18.29
N ARG B 66 1.51 -7.34 -18.42
CA ARG B 66 0.32 -6.60 -17.98
C ARG B 66 -0.88 -6.95 -18.85
N ALA B 67 -0.67 -7.17 -20.15
CA ALA B 67 -1.78 -7.63 -20.99
C ALA B 67 -2.32 -8.97 -20.49
N LYS B 68 -1.42 -9.89 -20.13
CA LYS B 68 -1.85 -11.17 -19.60
C LYS B 68 -2.60 -11.00 -18.29
N TRP B 69 -2.09 -10.16 -17.38
CA TRP B 69 -2.74 -9.95 -16.11
C TRP B 69 -4.13 -9.36 -16.28
N SER B 70 -4.26 -8.37 -17.16
CA SER B 70 -5.56 -7.77 -17.44
C SER B 70 -6.51 -8.77 -18.07
N ALA B 71 -6.00 -9.60 -18.99
CA ALA B 71 -6.85 -10.62 -19.61
C ALA B 71 -7.36 -11.62 -18.58
N PHE B 72 -6.49 -12.08 -17.69
CA PHE B 72 -6.93 -12.98 -16.64
C PHE B 72 -7.95 -12.32 -15.73
N TYR B 73 -7.71 -11.06 -15.36
CA TYR B 73 -8.66 -10.37 -14.49
C TYR B 73 -10.02 -10.24 -15.16
N GLU B 74 -10.03 -9.84 -16.44
CA GLU B 74 -11.29 -9.70 -17.17
C GLU B 74 -12.01 -11.03 -17.29
N GLU B 75 -11.29 -12.10 -17.65
CA GLU B 75 -11.92 -13.40 -17.82
C GLU B 75 -12.49 -13.91 -16.50
N GLN B 76 -11.74 -13.74 -15.41
CA GLN B 76 -12.21 -14.19 -14.10
C GLN B 76 -13.43 -13.39 -13.65
N SER B 77 -13.44 -12.08 -13.90
CA SER B 77 -14.61 -11.28 -13.56
C SER B 77 -15.83 -11.69 -14.39
N ARG B 78 -15.63 -11.93 -15.68
CA ARG B 78 -16.73 -12.36 -16.54
C ARG B 78 -17.29 -13.70 -16.07
N MET B 79 -16.40 -14.62 -15.67
CA MET B 79 -16.86 -15.90 -15.15
C MET B 79 -17.60 -15.73 -13.83
N ALA B 80 -17.11 -14.83 -12.97
CA ALA B 80 -17.72 -14.60 -11.66
C ALA B 80 -19.04 -13.88 -11.74
N LYS B 81 -19.34 -13.21 -12.86
CA LYS B 81 -20.60 -12.48 -12.96
C LYS B 81 -21.81 -13.39 -12.84
N THR B 82 -21.66 -14.70 -13.02
CA THR B 82 -22.77 -15.62 -12.87
C THR B 82 -23.20 -15.83 -11.42
N TYR B 83 -22.37 -15.41 -10.46
CA TYR B 83 -22.68 -15.60 -9.05
C TYR B 83 -23.54 -14.46 -8.54
N SER B 84 -24.69 -14.80 -7.97
CA SER B 84 -25.59 -13.79 -7.42
C SER B 84 -25.17 -13.44 -5.99
N LEU B 85 -25.29 -12.15 -5.64
CA LEU B 85 -24.93 -11.72 -4.30
C LEU B 85 -26.08 -11.86 -3.31
N GLU B 86 -27.25 -12.29 -3.76
CA GLU B 86 -28.38 -12.46 -2.86
C GLU B 86 -28.40 -13.81 -2.16
N GLU B 87 -27.56 -14.75 -2.58
CA GLU B 87 -27.55 -16.11 -2.04
C GLU B 87 -26.22 -16.41 -1.38
N ILE B 88 -25.51 -15.37 -0.95
CA ILE B 88 -24.20 -15.48 -0.30
C ILE B 88 -24.27 -14.74 1.03
N GLN B 89 -23.69 -15.35 2.07
CA GLN B 89 -23.82 -14.84 3.44
C GLN B 89 -22.49 -14.51 4.10
N ASN B 90 -21.44 -15.29 3.87
CA ASN B 90 -20.17 -15.06 4.53
C ASN B 90 -19.59 -13.71 4.09
N LEU B 91 -19.34 -12.83 5.07
CA LEU B 91 -18.98 -11.45 4.77
C LEU B 91 -17.68 -11.37 3.99
N THR B 92 -16.70 -12.21 4.34
CA THR B 92 -15.45 -12.27 3.59
C THR B 92 -15.74 -12.62 2.14
N LEU B 93 -16.56 -13.66 1.93
CA LEU B 93 -16.98 -14.06 0.60
C LEU B 93 -17.81 -12.96 -0.04
N LYS B 94 -18.65 -12.29 0.75
CA LYS B 94 -19.42 -11.16 0.25
C LYS B 94 -18.51 -10.14 -0.42
N ARG B 95 -17.47 -9.71 0.29
CA ARG B 95 -16.64 -8.62 -0.20
C ARG B 95 -15.70 -9.08 -1.30
N GLN B 96 -15.23 -10.33 -1.22
CA GLN B 96 -14.43 -10.88 -2.31
C GLN B 96 -15.23 -10.89 -3.61
N LEU B 97 -16.47 -11.40 -3.55
CA LEU B 97 -17.32 -11.40 -4.74
C LEU B 97 -17.63 -9.98 -5.21
N LYS B 98 -17.91 -9.07 -4.29
CA LYS B 98 -18.22 -7.69 -4.68
C LYS B 98 -17.04 -7.04 -5.39
N ALA B 99 -15.83 -7.28 -4.89
CA ALA B 99 -14.64 -6.78 -5.56
C ALA B 99 -14.47 -7.42 -6.93
N LEU B 100 -14.79 -8.71 -7.06
CA LEU B 100 -14.75 -9.36 -8.36
C LEU B 100 -15.72 -8.71 -9.33
N GLN B 101 -16.92 -8.36 -8.88
CA GLN B 101 -17.99 -7.98 -9.79
C GLN B 101 -17.92 -6.55 -10.29
N HIS B 102 -16.96 -5.75 -9.84
CA HIS B 102 -16.81 -4.40 -10.37
C HIS B 102 -16.23 -4.48 -11.77
N SER B 103 -17.12 -4.49 -12.77
CA SER B 103 -16.69 -4.62 -14.16
C SER B 103 -16.01 -3.37 -14.67
N GLY B 104 -16.34 -2.20 -14.13
CA GLY B 104 -15.73 -0.96 -14.56
C GLY B 104 -16.01 -0.60 -16.00
N THR B 105 -14.96 -0.39 -16.79
CA THR B 105 -15.11 0.03 -18.17
C THR B 105 -15.70 -1.06 -19.05
N SER B 106 -15.55 -2.34 -18.66
CA SER B 106 -16.05 -3.43 -19.48
C SER B 106 -17.57 -3.46 -19.56
N ALA B 107 -18.26 -2.75 -18.67
CA ALA B 107 -19.72 -2.73 -18.72
C ALA B 107 -20.24 -2.01 -19.96
N LEU B 108 -19.45 -1.11 -20.52
CA LEU B 108 -19.88 -0.34 -21.68
C LEU B 108 -19.58 -1.08 -22.97
N SER B 109 -19.95 -0.45 -24.09
CA SER B 109 -19.68 -1.01 -25.40
C SER B 109 -18.18 -0.94 -25.71
N ALA B 110 -17.76 -1.75 -26.69
CA ALA B 110 -16.36 -1.75 -27.08
C ALA B 110 -15.93 -0.40 -27.63
N GLU B 111 -16.78 0.23 -28.44
CA GLU B 111 -16.44 1.53 -29.01
C GLU B 111 -16.27 2.58 -27.91
N LYS B 112 -17.18 2.59 -26.94
CA LYS B 112 -17.06 3.53 -25.83
C LYS B 112 -15.82 3.25 -24.99
N SER B 113 -15.50 1.97 -24.76
CA SER B 113 -14.32 1.62 -23.97
C SER B 113 -13.04 2.07 -24.66
N LYS B 114 -12.93 1.82 -25.97
CA LYS B 114 -11.74 2.25 -26.69
C LYS B 114 -11.66 3.76 -26.80
N ARG B 115 -12.81 4.44 -26.94
CA ARG B 115 -12.79 5.89 -26.90
C ARG B 115 -12.25 6.38 -25.55
N LEU B 116 -12.76 5.79 -24.46
CA LEU B 116 -12.28 6.17 -23.13
C LEU B 116 -10.77 5.98 -23.00
N ASN B 117 -10.27 4.80 -23.35
CA ASN B 117 -8.86 4.54 -23.07
C ASN B 117 -7.95 5.34 -23.99
N THR B 118 -8.39 5.62 -25.23
CA THR B 118 -7.57 6.46 -26.09
C THR B 118 -7.52 7.91 -25.60
N ILE B 119 -8.63 8.42 -25.04
CA ILE B 119 -8.55 9.77 -24.49
C ILE B 119 -7.72 9.78 -23.21
N LEU B 120 -7.79 8.71 -22.42
CA LEU B 120 -6.87 8.56 -21.29
C LEU B 120 -5.43 8.65 -21.73
N ASN B 121 -5.08 7.93 -22.80
CA ASN B 121 -3.74 8.01 -23.35
C ASN B 121 -3.42 9.42 -23.83
N LYS B 122 -4.42 10.12 -24.39
CA LYS B 122 -4.17 11.48 -24.85
C LYS B 122 -3.85 12.42 -23.69
N MET B 123 -4.57 12.33 -22.57
CA MET B 123 -4.16 13.17 -21.44
C MET B 123 -2.77 12.78 -20.97
N SER B 124 -2.49 11.48 -20.87
CA SER B 124 -1.17 11.06 -20.42
C SER B 124 -0.09 11.72 -21.26
N THR B 125 -0.22 11.64 -22.59
CA THR B 125 0.77 12.23 -23.48
C THR B 125 0.84 13.74 -23.32
N ILE B 126 -0.31 14.42 -23.28
CA ILE B 126 -0.31 15.87 -23.27
C ILE B 126 0.29 16.41 -21.98
N TYR B 127 -0.16 15.89 -20.83
CA TYR B 127 0.39 16.31 -19.54
C TYR B 127 1.88 15.97 -19.43
N SER B 128 2.29 14.81 -19.95
CA SER B 128 3.69 14.45 -19.87
C SER B 128 4.56 15.27 -20.83
N THR B 129 3.93 15.91 -21.82
CA THR B 129 4.67 16.61 -22.87
C THR B 129 4.29 18.08 -23.00
N GLY B 130 3.47 18.62 -22.10
CA GLY B 130 3.10 20.02 -22.18
C GLY B 130 4.27 20.98 -21.99
N LYS B 131 4.67 21.66 -23.06
CA LYS B 131 5.82 22.56 -23.03
C LYS B 131 5.37 23.99 -23.31
N VAL B 132 5.95 24.94 -22.59
CA VAL B 132 5.61 26.36 -22.71
C VAL B 132 6.79 27.11 -23.28
N LEU B 133 6.54 27.89 -24.33
CA LEU B 133 7.53 28.78 -24.90
C LEU B 133 7.36 30.18 -24.32
N ASP B 134 8.44 30.71 -23.78
CA ASP B 134 8.45 32.10 -23.35
C ASP B 134 8.34 33.01 -24.58
N PRO B 135 8.03 34.33 -24.39
CA PRO B 135 7.88 35.21 -25.55
C PRO B 135 9.12 35.18 -26.44
N ASN B 136 10.28 34.94 -25.84
CA ASN B 136 11.44 34.46 -26.59
C ASN B 136 11.37 32.93 -26.57
N THR B 137 11.15 32.34 -27.74
CA THR B 137 10.81 30.92 -27.81
C THR B 137 12.02 30.03 -27.53
N GLN B 138 13.21 30.62 -27.38
CA GLN B 138 14.44 29.88 -27.16
C GLN B 138 14.33 28.85 -26.04
N GLU B 139 13.82 29.25 -24.88
CA GLU B 139 13.78 28.37 -23.70
C GLU B 139 12.52 27.52 -23.73
N CYS B 140 12.71 26.24 -24.10
CA CYS B 140 11.67 25.24 -24.02
C CYS B 140 11.65 24.66 -22.61
N LEU B 141 10.53 24.79 -21.91
CA LEU B 141 10.42 24.42 -20.51
C LEU B 141 9.23 23.49 -20.30
N ALA B 142 9.35 22.60 -19.31
CA ALA B 142 8.32 21.63 -19.01
C ALA B 142 7.74 21.87 -17.62
N LEU B 143 6.75 21.05 -17.26
CA LEU B 143 6.18 21.10 -15.92
C LEU B 143 7.22 20.72 -14.87
N GLU B 144 8.00 19.67 -15.15
CA GLU B 144 9.02 19.20 -14.23
C GLU B 144 10.35 19.09 -14.95
N PRO B 145 11.45 19.52 -14.32
CA PRO B 145 11.54 20.20 -13.02
C PRO B 145 11.52 21.71 -13.18
N GLY B 146 11.24 22.21 -14.38
CA GLY B 146 11.29 23.63 -14.68
C GLY B 146 10.38 24.49 -13.83
N LEU B 147 9.08 24.17 -13.81
CA LEU B 147 8.14 24.95 -13.00
C LEU B 147 8.42 24.79 -11.51
N ASP B 148 8.81 23.59 -11.08
CA ASP B 148 9.13 23.39 -9.67
C ASP B 148 10.28 24.30 -9.26
N ASP B 149 11.33 24.36 -10.08
CA ASP B 149 12.44 25.25 -9.81
C ASP B 149 12.00 26.71 -9.82
N ILE B 150 11.22 27.09 -10.84
CA ILE B 150 10.81 28.49 -10.99
C ILE B 150 10.05 28.96 -9.77
N MET B 151 9.11 28.13 -9.29
CA MET B 151 8.32 28.50 -8.13
C MET B 151 9.11 28.40 -6.84
N GLU B 152 9.59 27.21 -6.47
CA GLU B 152 10.27 27.02 -5.20
C GLU B 152 11.67 27.63 -5.15
N ASN B 153 12.11 28.37 -6.17
CA ASN B 153 13.42 29.01 -6.11
C ASN B 153 13.33 30.52 -6.30
N SER B 154 12.50 30.97 -7.24
CA SER B 154 12.41 32.39 -7.55
C SER B 154 11.27 33.04 -6.80
N ARG B 155 11.44 34.31 -6.44
CA ARG B 155 10.43 35.08 -5.74
C ARG B 155 9.79 36.16 -6.61
N ASP B 156 10.12 36.20 -7.90
CA ASP B 156 9.64 37.27 -8.78
C ASP B 156 8.17 37.05 -9.13
N TYR B 157 7.39 38.13 -9.03
CA TYR B 157 5.97 38.05 -9.38
C TYR B 157 5.77 37.78 -10.86
N ASN B 158 6.47 38.52 -11.71
CA ASN B 158 6.21 38.49 -13.15
C ASN B 158 6.50 37.12 -13.73
N ARG B 159 7.61 36.50 -13.34
CA ARG B 159 7.96 35.19 -13.87
C ARG B 159 6.92 34.14 -13.49
N ARG B 160 6.54 34.10 -12.21
CA ARG B 160 5.53 33.17 -11.76
C ARG B 160 4.22 33.36 -12.52
N LEU B 161 3.75 34.61 -12.60
CA LEU B 161 2.49 34.87 -13.27
C LEU B 161 2.55 34.44 -14.73
N TRP B 162 3.54 34.93 -15.48
CA TRP B 162 3.64 34.60 -16.90
C TRP B 162 3.70 33.09 -17.11
N ALA B 163 4.59 32.41 -16.37
CA ALA B 163 4.75 30.98 -16.54
C ALA B 163 3.44 30.24 -16.29
N TRP B 164 2.90 30.36 -15.08
CA TRP B 164 1.73 29.55 -14.72
C TRP B 164 0.53 29.89 -15.59
N GLU B 165 0.35 31.17 -15.93
CA GLU B 165 -0.74 31.55 -16.82
C GLU B 165 -0.57 30.93 -18.21
N GLY B 166 0.66 30.90 -18.74
CA GLY B 166 0.86 30.27 -20.04
C GLY B 166 0.62 28.78 -20.02
N TRP B 167 1.15 28.10 -19.00
CA TRP B 167 0.91 26.66 -18.85
C TRP B 167 -0.59 26.36 -18.78
N ARG B 168 -1.31 27.09 -17.94
CA ARG B 168 -2.75 26.89 -17.85
C ARG B 168 -3.41 27.15 -19.21
N ALA B 169 -3.06 28.26 -19.84
CA ALA B 169 -3.73 28.70 -21.06
C ALA B 169 -3.48 27.77 -22.23
N GLU B 170 -2.40 26.97 -22.20
CA GLU B 170 -2.26 26.03 -23.30
C GLU B 170 -2.73 24.62 -22.94
N VAL B 171 -2.54 24.18 -21.69
CA VAL B 171 -2.97 22.86 -21.28
C VAL B 171 -4.49 22.73 -21.33
N GLY B 172 -5.20 23.75 -20.84
CA GLY B 172 -6.65 23.74 -20.98
C GLY B 172 -7.09 23.69 -22.43
N LYS B 173 -6.50 24.53 -23.28
CA LYS B 173 -6.96 24.63 -24.66
C LYS B 173 -6.98 23.27 -25.35
N GLN B 174 -6.12 22.35 -24.90
CA GLN B 174 -6.14 21.01 -25.46
C GLN B 174 -7.04 20.08 -24.67
N LEU B 175 -7.14 20.26 -23.34
CA LEU B 175 -7.78 19.24 -22.52
C LEU B 175 -9.19 19.59 -22.03
N ARG B 176 -9.79 20.68 -22.51
CA ARG B 176 -11.13 21.05 -22.08
C ARG B 176 -12.23 20.15 -22.67
N PRO B 177 -12.40 20.07 -23.99
CA PRO B 177 -13.48 19.21 -24.51
C PRO B 177 -13.21 17.74 -24.23
N LEU B 178 -11.94 17.35 -24.13
CA LEU B 178 -11.61 16.01 -23.67
C LEU B 178 -12.19 15.77 -22.28
N TYR B 179 -12.03 16.74 -21.38
CA TYR B 179 -12.60 16.58 -20.04
C TYR B 179 -14.12 16.54 -20.08
N GLU B 180 -14.74 17.32 -20.96
CA GLU B 180 -16.19 17.27 -21.10
C GLU B 180 -16.67 15.88 -21.50
N GLU B 181 -16.01 15.28 -22.48
CA GLU B 181 -16.42 13.95 -22.91
C GLU B 181 -16.06 12.89 -21.86
N TYR B 182 -15.00 13.13 -21.07
CA TYR B 182 -14.75 12.26 -19.92
C TYR B 182 -15.94 12.29 -18.98
N VAL B 183 -16.44 13.48 -18.68
CA VAL B 183 -17.58 13.60 -17.77
C VAL B 183 -18.77 12.86 -18.33
N VAL B 184 -19.05 13.04 -19.62
CA VAL B 184 -20.22 12.39 -20.23
C VAL B 184 -20.09 10.87 -20.15
N LEU B 185 -18.94 10.34 -20.58
CA LEU B 185 -18.77 8.89 -20.65
C LEU B 185 -18.69 8.26 -19.25
N GLU B 186 -18.10 8.98 -18.29
CA GLU B 186 -18.03 8.46 -16.93
C GLU B 186 -19.39 8.47 -16.27
N ASN B 187 -20.22 9.49 -16.54
CA ASN B 187 -21.60 9.45 -16.07
C ASN B 187 -22.35 8.27 -16.66
N GLU B 188 -22.16 8.02 -17.96
CA GLU B 188 -22.78 6.86 -18.60
C GLU B 188 -22.33 5.56 -17.95
N MET B 189 -21.02 5.44 -17.70
CA MET B 189 -20.48 4.23 -17.08
C MET B 189 -21.05 4.03 -15.67
N ALA B 190 -21.11 5.10 -14.88
CA ALA B 190 -21.66 4.98 -13.53
C ALA B 190 -23.13 4.58 -13.56
N ARG B 191 -23.91 5.18 -14.47
CA ARG B 191 -25.30 4.79 -14.59
C ARG B 191 -25.44 3.34 -15.04
N ALA B 192 -24.46 2.84 -15.81
CA ALA B 192 -24.49 1.44 -16.22
C ALA B 192 -24.26 0.51 -15.04
N ASN B 193 -23.39 0.91 -14.09
CA ASN B 193 -22.99 0.06 -12.98
C ASN B 193 -23.85 0.26 -11.74
N ASN B 194 -25.10 0.69 -11.91
CA ASN B 194 -26.05 0.92 -10.81
C ASN B 194 -25.51 1.97 -9.83
N TYR B 195 -24.78 2.96 -10.33
CA TYR B 195 -24.41 4.13 -9.55
C TYR B 195 -25.11 5.35 -10.13
N GLU B 196 -25.61 6.23 -9.26
CA GLU B 196 -26.25 7.45 -9.73
C GLU B 196 -25.29 8.31 -10.54
N ASP B 197 -24.04 8.43 -10.09
CA ASP B 197 -23.05 9.26 -10.76
C ASP B 197 -21.67 8.68 -10.49
N TYR B 198 -20.71 9.07 -11.32
CA TYR B 198 -19.33 8.61 -11.14
C TYR B 198 -18.80 9.01 -9.77
N GLY B 199 -19.35 10.09 -9.20
CA GLY B 199 -19.06 10.41 -7.82
C GLY B 199 -19.43 9.29 -6.88
N ASP B 200 -20.60 8.68 -7.08
CA ASP B 200 -20.94 7.51 -6.28
C ASP B 200 -19.99 6.36 -6.55
N TYR B 201 -19.45 6.28 -7.77
CA TYR B 201 -18.46 5.23 -8.05
C TYR B 201 -17.22 5.42 -7.20
N TRP B 202 -16.72 6.65 -7.06
CA TRP B 202 -15.59 6.86 -6.17
C TRP B 202 -16.01 6.81 -4.70
N ARG B 203 -17.30 6.99 -4.41
CA ARG B 203 -17.79 6.87 -3.05
C ARG B 203 -17.92 5.42 -2.62
N GLY B 204 -18.02 4.49 -3.58
CA GLY B 204 -18.27 3.09 -3.28
C GLY B 204 -17.16 2.41 -2.49
N ASP B 205 -15.96 2.99 -2.45
CA ASP B 205 -14.86 2.38 -1.72
C ASP B 205 -15.16 2.29 -0.23
N TYR B 206 -15.81 3.32 0.33
CA TYR B 206 -16.13 3.35 1.75
C TYR B 206 -17.46 2.69 2.06
N GLU B 207 -18.13 2.12 1.06
CA GLU B 207 -19.39 1.43 1.28
C GLU B 207 -19.16 0.14 2.05
N VAL B 208 -19.89 -0.03 3.15
CA VAL B 208 -19.87 -1.24 3.94
C VAL B 208 -21.30 -1.63 4.27
N THR B 209 -21.66 -2.87 3.98
CA THR B 209 -23.02 -3.35 4.15
C THR B 209 -22.99 -4.68 4.86
N GLY B 210 -24.11 -5.02 5.50
CA GLY B 210 -24.20 -6.26 6.23
C GLY B 210 -23.41 -6.31 7.51
N ALA B 211 -23.07 -5.15 8.08
CA ALA B 211 -22.33 -5.07 9.34
C ALA B 211 -23.10 -4.16 10.28
N GLY B 212 -23.83 -4.77 11.22
CA GLY B 212 -24.57 -3.99 12.20
C GLY B 212 -23.63 -3.11 13.02
N ASP B 213 -24.09 -1.90 13.32
CA ASP B 213 -23.35 -0.84 14.01
C ASP B 213 -22.17 -0.38 13.17
N TYR B 214 -22.04 -0.88 11.94
CA TYR B 214 -20.88 -0.54 11.13
C TYR B 214 -21.24 -0.25 9.68
N ASP B 215 -22.52 -0.03 9.37
CA ASP B 215 -22.94 0.27 8.01
C ASP B 215 -22.76 1.75 7.71
N TYR B 216 -22.37 2.05 6.48
CA TYR B 216 -22.12 3.42 6.07
C TYR B 216 -22.50 3.61 4.62
N SER B 217 -23.27 4.68 4.36
CA SER B 217 -23.76 5.00 3.03
C SER B 217 -22.74 5.83 2.25
N ARG B 218 -23.21 6.44 1.16
CA ARG B 218 -22.35 7.25 0.32
C ARG B 218 -22.34 8.71 0.75
N ASP B 219 -23.46 9.20 1.31
CA ASP B 219 -23.57 10.60 1.72
C ASP B 219 -23.20 10.81 3.18
N GLN B 220 -23.07 9.73 3.96
CA GLN B 220 -22.67 9.87 5.35
C GLN B 220 -21.27 10.46 5.47
N LEU B 221 -20.36 10.05 4.59
CA LEU B 221 -19.03 10.64 4.60
C LEU B 221 -19.07 12.11 4.17
N MET B 222 -20.00 12.45 3.27
CA MET B 222 -20.16 13.85 2.86
C MET B 222 -20.59 14.70 4.04
N LYS B 223 -21.53 14.19 4.83
CA LYS B 223 -21.93 14.90 6.03
C LYS B 223 -20.78 14.97 7.04
N ASP B 224 -19.99 13.90 7.14
CA ASP B 224 -18.81 13.93 8.02
C ASP B 224 -17.82 15.01 7.59
N VAL B 225 -17.56 15.10 6.30
CA VAL B 225 -16.61 16.10 5.80
C VAL B 225 -17.15 17.51 6.02
N GLU B 226 -18.46 17.70 5.84
CA GLU B 226 -19.04 19.01 6.11
C GLU B 226 -18.93 19.37 7.59
N ARG B 227 -19.11 18.38 8.47
CA ARG B 227 -18.89 18.61 9.90
C ARG B 227 -17.44 18.97 10.18
N THR B 228 -16.51 18.33 9.46
CA THR B 228 -15.11 18.69 9.63
C THR B 228 -14.84 20.13 9.19
N PHE B 229 -15.49 20.57 8.10
CA PHE B 229 -15.47 22.00 7.77
C PHE B 229 -15.96 22.84 8.95
N ALA B 230 -17.11 22.47 9.50
CA ALA B 230 -17.70 23.26 10.59
C ALA B 230 -16.76 23.32 11.79
N GLU B 231 -15.93 22.30 11.96
CA GLU B 231 -15.02 22.28 13.11
C GLU B 231 -13.63 22.81 12.78
N ILE B 232 -13.31 23.02 11.49
CA ILE B 232 -11.96 23.42 11.11
C ILE B 232 -11.85 24.86 10.58
N LYS B 233 -12.93 25.40 9.98
CA LYS B 233 -12.88 26.73 9.37
C LYS B 233 -12.05 27.78 10.07
N PRO B 234 -12.28 28.13 11.35
CA PRO B 234 -11.54 29.27 11.91
C PRO B 234 -10.04 29.08 11.85
N LEU B 235 -9.57 27.84 12.00
CA LEU B 235 -8.14 27.56 11.92
C LEU B 235 -7.57 28.00 10.57
N TYR B 236 -8.25 27.64 9.47
CA TYR B 236 -7.69 27.95 8.15
C TYR B 236 -7.93 29.39 7.76
N GLU B 237 -9.05 29.98 8.17
CA GLU B 237 -9.21 31.41 7.96
C GLU B 237 -8.09 32.19 8.66
N GLN B 238 -7.79 31.78 9.89
CA GLN B 238 -6.81 32.42 10.74
C GLN B 238 -5.37 32.27 10.18
N LEU B 239 -5.02 31.05 9.79
CA LEU B 239 -3.70 30.84 9.20
C LEU B 239 -3.58 31.53 7.84
N HIS B 240 -4.68 31.58 7.07
CA HIS B 240 -4.69 32.40 5.87
C HIS B 240 -4.42 33.85 6.20
N ALA B 241 -4.92 34.32 7.34
CA ALA B 241 -4.67 35.70 7.75
C ALA B 241 -3.18 35.95 7.94
N TYR B 242 -2.47 35.05 8.63
CA TYR B 242 -1.00 35.24 8.64
C TYR B 242 -0.37 35.11 7.28
N VAL B 243 -0.84 34.19 6.44
CA VAL B 243 -0.22 34.07 5.13
C VAL B 243 -0.27 35.40 4.39
N ARG B 244 -1.46 36.03 4.35
CA ARG B 244 -1.57 37.30 3.63
C ARG B 244 -0.79 38.40 4.34
N ALA B 245 -0.79 38.40 5.68
CA ALA B 245 -0.10 39.47 6.41
C ALA B 245 1.41 39.43 6.13
N LYS B 246 2.00 38.25 6.23
CA LYS B 246 3.43 38.13 5.96
C LYS B 246 3.75 38.43 4.50
N LEU B 247 2.89 37.99 3.58
CA LEU B 247 3.18 38.23 2.17
C LEU B 247 3.04 39.71 1.81
N MET B 248 2.12 40.42 2.46
CA MET B 248 2.00 41.85 2.21
C MET B 248 3.12 42.62 2.90
N HIS B 249 3.64 42.09 4.01
CA HIS B 249 4.85 42.65 4.57
C HIS B 249 6.01 42.51 3.59
N THR B 250 6.10 41.36 2.92
CA THR B 250 7.12 41.19 1.89
C THR B 250 6.76 41.96 0.62
N TYR B 251 5.48 41.95 0.23
CA TYR B 251 5.01 42.59 -1.00
C TYR B 251 3.78 43.43 -0.69
N PRO B 252 3.96 44.73 -0.43
CA PRO B 252 2.83 45.55 0.02
C PRO B 252 1.90 46.00 -1.08
N SER B 253 2.42 46.28 -2.28
CA SER B 253 1.62 46.86 -3.35
C SER B 253 0.89 45.83 -4.19
N TYR B 254 1.02 44.53 -3.87
CA TYR B 254 0.45 43.48 -4.68
C TYR B 254 -0.64 42.67 -3.99
N ILE B 255 -0.78 42.78 -2.68
CA ILE B 255 -1.75 42.00 -1.93
C ILE B 255 -2.54 42.93 -1.02
N SER B 256 -3.87 42.83 -1.08
CA SER B 256 -4.74 43.60 -0.20
C SER B 256 -4.73 43.00 1.21
N PRO B 257 -4.91 43.83 2.24
CA PRO B 257 -4.85 43.31 3.61
C PRO B 257 -6.12 42.59 4.05
N THR B 258 -7.25 42.85 3.39
CA THR B 258 -8.50 42.17 3.71
C THR B 258 -8.91 41.16 2.65
N GLY B 259 -8.63 41.41 1.37
CA GLY B 259 -9.02 40.50 0.31
C GLY B 259 -8.22 39.21 0.32
N CYS B 260 -8.63 38.29 -0.55
CA CYS B 260 -8.05 36.96 -0.60
C CYS B 260 -6.67 36.98 -1.26
N LEU B 261 -5.88 35.95 -0.94
CA LEU B 261 -4.57 35.81 -1.57
C LEU B 261 -4.73 35.37 -3.02
N PRO B 262 -4.02 35.99 -3.95
CA PRO B 262 -4.12 35.57 -5.35
C PRO B 262 -3.49 34.20 -5.58
N ALA B 263 -3.91 33.57 -6.70
CA ALA B 263 -3.64 32.15 -6.90
C ALA B 263 -2.17 31.84 -7.06
N HIS B 264 -1.41 32.71 -7.73
CA HIS B 264 -0.04 32.38 -8.07
C HIS B 264 0.96 32.72 -6.98
N LEU B 265 0.54 32.70 -5.72
CA LEU B 265 1.40 33.03 -4.58
C LEU B 265 1.22 32.03 -3.44
N LEU B 266 1.00 30.76 -3.77
CA LEU B 266 0.73 29.76 -2.75
C LEU B 266 1.89 28.82 -2.47
N GLY B 267 3.05 29.04 -3.07
CA GLY B 267 4.25 28.31 -2.74
C GLY B 267 4.60 27.17 -3.67
N ASP B 268 3.62 26.60 -4.38
CA ASP B 268 3.88 25.50 -5.30
C ASP B 268 3.13 25.75 -6.60
N MET B 269 3.02 24.69 -7.41
CA MET B 269 2.49 24.83 -8.75
C MET B 269 1.00 25.20 -8.75
N TRP B 270 0.18 24.56 -7.92
CA TRP B 270 -1.26 24.79 -7.94
C TRP B 270 -1.86 25.03 -6.56
N GLY B 271 -1.10 25.57 -5.62
CA GLY B 271 -1.64 25.85 -4.31
C GLY B 271 -1.80 24.65 -3.40
N ARG B 272 -1.30 23.48 -3.82
CA ARG B 272 -1.50 22.27 -3.04
C ARG B 272 -0.67 22.30 -1.76
N PHE B 273 0.61 22.63 -1.87
CA PHE B 273 1.50 22.68 -0.73
C PHE B 273 2.02 24.09 -0.51
N TRP B 274 1.96 24.55 0.75
CA TRP B 274 2.57 25.80 1.15
C TRP B 274 3.94 25.60 1.78
N THR B 275 4.66 24.56 1.36
CA THR B 275 5.95 24.25 1.97
C THR B 275 7.01 25.27 1.62
N ASN B 276 6.94 25.89 0.44
CA ASN B 276 7.97 26.82 0.04
C ASN B 276 7.76 28.19 0.68
N LEU B 277 6.62 28.40 1.30
CA LEU B 277 6.39 29.66 1.98
C LEU B 277 7.19 29.77 3.28
N TYR B 278 8.02 28.78 3.58
CA TYR B 278 8.82 28.82 4.80
C TYR B 278 9.74 30.02 4.84
N SER B 279 10.52 30.22 3.78
CA SER B 279 11.55 31.27 3.79
C SER B 279 10.95 32.64 4.00
N LEU B 280 9.69 32.84 3.61
CA LEU B 280 9.03 34.13 3.78
C LEU B 280 8.14 34.19 5.02
N THR B 281 7.81 33.03 5.61
CA THR B 281 6.89 32.98 6.74
C THR B 281 7.52 32.42 8.01
N VAL B 282 8.84 32.26 8.05
CA VAL B 282 9.47 31.84 9.31
C VAL B 282 9.31 32.96 10.34
N PRO B 283 8.82 32.68 11.54
CA PRO B 283 8.58 33.76 12.51
C PRO B 283 9.87 34.33 13.09
N PHE B 284 10.79 33.45 13.45
CA PHE B 284 12.07 33.85 14.03
C PHE B 284 13.16 33.21 13.19
N GLU B 285 13.76 34.00 12.31
CA GLU B 285 14.70 33.48 11.31
C GLU B 285 16.11 33.29 11.85
N HIS B 286 16.37 33.67 13.09
CA HIS B 286 17.71 33.56 13.66
C HIS B 286 17.93 32.24 14.40
N LYS B 287 16.88 31.60 14.89
CA LYS B 287 17.02 30.31 15.54
C LYS B 287 17.40 29.24 14.53
N PRO B 288 18.20 28.25 14.94
CA PRO B 288 18.57 27.17 14.03
C PRO B 288 17.51 26.09 13.98
N SER B 289 17.23 25.64 12.77
CA SER B 289 16.28 24.55 12.53
C SER B 289 16.97 23.22 12.77
N ILE B 290 16.17 22.20 13.06
CA ILE B 290 16.70 20.86 13.30
C ILE B 290 17.34 20.35 12.02
N ASP B 291 18.66 20.21 12.03
CA ASP B 291 19.41 19.79 10.85
C ASP B 291 20.50 18.83 11.29
N VAL B 292 20.35 17.56 10.92
CA VAL B 292 21.22 16.50 11.38
C VAL B 292 22.13 16.00 10.24
N THR B 293 21.89 16.48 9.02
CA THR B 293 22.69 16.05 7.88
C THR B 293 24.18 16.21 8.13
N GLU B 294 24.58 17.37 8.64
CA GLU B 294 25.98 17.59 9.02
C GLU B 294 26.46 16.44 9.90
N LYS B 295 25.66 16.08 10.90
CA LYS B 295 26.02 14.93 11.74
C LYS B 295 25.96 13.62 10.98
N MET B 296 25.27 13.60 9.84
CA MET B 296 25.35 12.42 8.98
C MET B 296 26.74 12.26 8.39
N GLU B 297 27.31 13.33 7.82
CA GLU B 297 28.68 13.16 7.33
C GLU B 297 29.69 13.20 8.47
N ASN B 298 29.26 13.57 9.67
CA ASN B 298 30.11 13.43 10.84
C ASN B 298 30.42 11.96 11.09
N GLN B 299 29.39 11.12 11.07
CA GLN B 299 29.52 9.68 11.30
C GLN B 299 29.56 8.87 10.01
N SER B 300 29.47 9.52 8.84
CA SER B 300 29.50 8.83 7.54
C SER B 300 28.41 7.77 7.45
N TRP B 301 27.17 8.18 7.74
CA TRP B 301 26.04 7.28 7.61
C TRP B 301 25.78 6.95 6.14
N ASP B 302 25.18 5.80 5.90
CA ASP B 302 24.93 5.31 4.54
C ASP B 302 23.53 4.73 4.46
N ALA B 303 23.15 4.24 3.28
CA ALA B 303 21.83 3.67 3.09
C ALA B 303 21.62 2.43 3.95
N GLU B 304 22.61 1.55 3.99
CA GLU B 304 22.51 0.38 4.87
C GLU B 304 22.33 0.80 6.32
N ARG B 305 23.12 1.78 6.76
CA ARG B 305 23.04 2.24 8.14
C ARG B 305 21.71 2.91 8.44
N ILE B 306 21.21 3.74 7.51
CA ILE B 306 19.95 4.45 7.77
C ILE B 306 18.79 3.47 7.81
N PHE B 307 18.81 2.46 6.94
CA PHE B 307 17.74 1.47 6.94
C PHE B 307 17.85 0.57 8.18
N LYS B 308 19.06 0.32 8.65
CA LYS B 308 19.25 -0.44 9.88
C LYS B 308 18.74 0.35 11.07
N GLU B 309 18.92 1.68 11.05
CA GLU B 309 18.34 2.52 12.09
C GLU B 309 16.82 2.45 12.06
N ALA B 310 16.24 2.46 10.85
CA ALA B 310 14.80 2.26 10.73
C ALA B 310 14.38 0.92 11.32
N GLU B 311 15.16 -0.12 11.08
CA GLU B 311 14.88 -1.43 11.67
C GLU B 311 14.97 -1.41 13.18
N LYS B 312 15.94 -0.69 13.74
CA LYS B 312 16.01 -0.58 15.19
C LYS B 312 14.75 0.09 15.73
N PHE B 313 14.32 1.16 15.06
CA PHE B 313 13.06 1.81 15.42
C PHE B 313 11.91 0.81 15.41
N PHE B 314 11.73 0.08 14.32
CA PHE B 314 10.55 -0.78 14.20
C PHE B 314 10.65 -2.02 15.07
N VAL B 315 11.86 -2.40 15.48
CA VAL B 315 12.00 -3.43 16.50
C VAL B 315 11.56 -2.89 17.85
N SER B 316 11.89 -1.63 18.14
CA SER B 316 11.47 -0.98 19.38
C SER B 316 9.96 -0.80 19.47
N ILE B 317 9.21 -1.21 18.44
CA ILE B 317 7.75 -1.16 18.49
C ILE B 317 7.25 -2.59 18.24
N SER B 318 8.15 -3.56 18.37
CA SER B 318 7.83 -4.99 18.38
C SER B 318 7.38 -5.54 17.03
N LEU B 319 7.50 -4.72 15.98
CA LEU B 319 7.17 -5.22 14.64
C LEU B 319 8.31 -6.10 14.11
N PRO B 320 8.01 -7.05 13.23
CA PRO B 320 9.02 -8.04 12.84
C PRO B 320 10.07 -7.45 11.91
N TYR B 321 11.15 -8.21 11.74
CA TYR B 321 12.35 -7.73 11.08
C TYR B 321 12.17 -7.62 9.56
N MET B 322 13.24 -7.18 8.90
CA MET B 322 13.38 -7.32 7.46
C MET B 322 14.02 -8.67 7.13
N THR B 323 13.31 -9.46 6.32
CA THR B 323 13.85 -10.74 5.90
C THR B 323 15.02 -10.55 4.95
N GLN B 324 15.84 -11.60 4.83
CA GLN B 324 17.09 -11.50 4.09
C GLN B 324 16.86 -11.06 2.65
N GLY B 325 15.73 -11.46 2.06
CA GLY B 325 15.43 -11.07 0.69
C GLY B 325 15.39 -9.58 0.47
N PHE B 326 14.86 -8.84 1.45
CA PHE B 326 14.90 -7.38 1.41
C PHE B 326 16.30 -6.87 1.12
N TRP B 327 17.24 -7.12 2.03
CA TRP B 327 18.58 -6.57 1.87
C TRP B 327 19.26 -7.15 0.65
N ASP B 328 18.94 -8.40 0.30
CA ASP B 328 19.66 -9.08 -0.77
C ASP B 328 19.29 -8.51 -2.14
N ASN B 329 18.00 -8.29 -2.40
CA ASN B 329 17.56 -8.04 -3.77
C ASN B 329 17.14 -6.61 -4.06
N SER B 330 16.63 -5.88 -3.08
CA SER B 330 16.20 -4.51 -3.37
C SER B 330 17.40 -3.61 -3.61
N MET B 331 17.24 -2.68 -4.54
CA MET B 331 18.24 -1.64 -4.79
C MET B 331 18.09 -0.60 -3.70
N LEU B 332 19.20 -0.23 -3.07
CA LEU B 332 19.16 0.64 -1.91
C LEU B 332 19.94 1.93 -2.13
N THR B 333 20.75 2.00 -3.18
CA THR B 333 21.50 3.20 -3.52
C THR B 333 21.66 3.23 -5.04
N GLU B 334 21.79 4.43 -5.58
CA GLU B 334 21.74 4.60 -7.03
C GLU B 334 22.80 3.74 -7.71
N PRO B 335 22.43 2.94 -8.74
CA PRO B 335 23.37 2.00 -9.36
C PRO B 335 24.27 2.65 -10.42
N GLY B 336 25.00 3.68 -10.02
CA GLY B 336 25.92 4.33 -10.93
C GLY B 336 25.19 5.12 -12.01
N ASP B 337 25.94 5.43 -13.07
CA ASP B 337 25.42 6.18 -14.20
C ASP B 337 25.19 5.34 -15.44
N GLY B 338 25.65 4.09 -15.46
CA GLY B 338 25.43 3.25 -16.62
C GLY B 338 23.96 2.92 -16.84
N ARG B 339 23.21 2.77 -15.75
CA ARG B 339 21.79 2.44 -15.81
C ARG B 339 20.98 3.54 -15.16
N LYS B 340 19.91 3.97 -15.83
CA LYS B 340 19.07 5.04 -15.34
C LYS B 340 17.90 4.49 -14.54
N VAL B 341 17.61 5.15 -13.41
CA VAL B 341 16.55 4.72 -12.51
C VAL B 341 15.69 5.93 -12.15
N VAL B 342 14.38 5.76 -12.30
CA VAL B 342 13.42 6.73 -11.77
C VAL B 342 13.04 6.26 -10.37
N CYS B 343 13.38 7.05 -9.37
CA CYS B 343 13.35 6.62 -7.97
C CYS B 343 12.46 7.52 -7.10
N HIS B 344 11.25 7.81 -7.57
CA HIS B 344 10.23 8.28 -6.66
C HIS B 344 10.05 7.23 -5.58
N PRO B 345 10.13 7.58 -4.28
CA PRO B 345 10.06 6.56 -3.23
C PRO B 345 8.80 5.71 -3.33
N THR B 346 8.97 4.44 -3.68
CA THR B 346 7.86 3.53 -3.93
C THR B 346 8.21 2.13 -3.44
N ALA B 347 7.16 1.36 -3.14
CA ALA B 347 7.29 -0.06 -2.82
C ALA B 347 5.92 -0.71 -2.99
N TRP B 348 5.83 -1.62 -3.96
CA TRP B 348 4.58 -2.31 -4.25
C TRP B 348 4.63 -3.71 -3.65
N ASP B 349 3.48 -4.39 -3.66
CA ASP B 349 3.31 -5.69 -3.03
C ASP B 349 3.61 -6.81 -4.01
N LEU B 350 4.85 -7.30 -4.05
CA LEU B 350 5.06 -8.58 -4.71
C LEU B 350 4.35 -9.68 -3.94
N GLY B 351 4.61 -9.78 -2.65
CA GLY B 351 3.96 -10.79 -1.83
C GLY B 351 4.90 -11.95 -1.57
N LYS B 352 4.35 -12.96 -0.88
CA LYS B 352 5.09 -14.13 -0.42
C LYS B 352 6.35 -13.72 0.34
N GLY B 353 6.24 -12.66 1.14
CA GLY B 353 7.38 -12.19 1.90
C GLY B 353 8.35 -11.35 1.08
N ASP B 354 8.36 -11.58 -0.24
CA ASP B 354 9.28 -10.89 -1.14
C ASP B 354 8.87 -9.43 -1.32
N PHE B 355 9.12 -8.60 -0.33
CA PHE B 355 8.90 -7.19 -0.49
C PHE B 355 10.24 -6.49 -0.67
N ARG B 356 10.22 -5.30 -1.27
CA ARG B 356 11.45 -4.61 -1.65
C ARG B 356 11.13 -3.14 -1.87
N ILE B 357 12.17 -2.31 -1.89
CA ILE B 357 12.04 -0.87 -1.98
C ILE B 357 13.14 -0.35 -2.91
N LYS B 358 12.76 0.57 -3.80
CA LYS B 358 13.73 1.47 -4.42
C LYS B 358 13.39 2.91 -4.09
N MET B 359 14.38 3.59 -3.51
CA MET B 359 14.35 5.04 -3.35
C MET B 359 15.78 5.57 -3.25
N CYS B 360 16.13 6.53 -4.11
CA CYS B 360 17.48 7.06 -4.15
C CYS B 360 17.89 7.64 -2.80
N THR B 361 18.94 7.06 -2.22
CA THR B 361 19.38 7.47 -0.90
C THR B 361 20.47 8.52 -1.00
N LYS B 362 20.14 9.76 -0.67
CA LYS B 362 21.13 10.80 -0.43
C LYS B 362 21.27 10.97 1.07
N VAL B 363 22.33 11.66 1.47
CA VAL B 363 22.68 11.76 2.90
C VAL B 363 21.96 12.99 3.43
N THR B 364 20.68 12.81 3.77
CA THR B 364 19.81 13.93 4.16
C THR B 364 18.74 13.45 5.15
N MET B 365 17.91 14.41 5.59
CA MET B 365 16.75 14.12 6.44
C MET B 365 15.48 13.85 5.66
N ASP B 366 15.29 14.48 4.50
CA ASP B 366 14.13 14.14 3.68
C ASP B 366 14.16 12.66 3.33
N ASP B 367 15.36 12.13 3.06
CA ASP B 367 15.50 10.71 2.81
C ASP B 367 15.21 9.88 4.06
N PHE B 368 15.59 10.37 5.24
CA PHE B 368 15.24 9.68 6.48
C PHE B 368 13.72 9.58 6.65
N LEU B 369 13.03 10.71 6.45
CA LEU B 369 11.58 10.73 6.59
C LEU B 369 10.91 9.82 5.56
N THR B 370 11.36 9.87 4.30
CA THR B 370 10.80 9.00 3.29
C THR B 370 11.12 7.53 3.56
N ALA B 371 12.29 7.24 4.14
CA ALA B 371 12.63 5.88 4.49
C ALA B 371 11.70 5.34 5.57
N HIS B 372 11.43 6.16 6.60
CA HIS B 372 10.48 5.73 7.61
C HIS B 372 9.07 5.59 7.04
N HIS B 373 8.68 6.48 6.12
CA HIS B 373 7.38 6.38 5.48
C HIS B 373 7.25 5.08 4.71
N GLU B 374 8.27 4.76 3.90
CA GLU B 374 8.25 3.52 3.12
C GLU B 374 8.33 2.30 4.01
N MET B 375 9.01 2.39 5.16
CA MET B 375 9.02 1.27 6.07
C MET B 375 7.66 1.07 6.75
N GLY B 376 6.94 2.16 7.01
CA GLY B 376 5.57 2.02 7.47
C GLY B 376 4.76 1.29 6.42
N HIS B 377 4.94 1.69 5.17
CA HIS B 377 4.31 1.00 4.04
C HIS B 377 4.61 -0.49 4.07
N ILE B 378 5.89 -0.85 4.20
CA ILE B 378 6.32 -2.25 4.14
C ILE B 378 5.75 -3.03 5.31
N GLN B 379 5.77 -2.45 6.50
CA GLN B 379 5.28 -3.16 7.67
C GLN B 379 3.79 -3.42 7.53
N TYR B 380 3.05 -2.39 7.09
CA TYR B 380 1.62 -2.57 6.83
C TYR B 380 1.40 -3.66 5.79
N ASP B 381 2.22 -3.66 4.74
CA ASP B 381 1.98 -4.59 3.63
C ASP B 381 2.27 -6.02 4.04
N MET B 382 3.34 -6.25 4.82
CA MET B 382 3.58 -7.59 5.34
C MET B 382 2.54 -7.98 6.37
N ALA B 383 1.93 -7.01 7.04
CA ALA B 383 1.03 -7.33 8.15
C ALA B 383 -0.13 -8.21 7.70
N TYR B 384 -0.66 -7.99 6.50
CA TYR B 384 -1.77 -8.77 5.97
C TYR B 384 -1.31 -9.80 4.93
N ALA B 385 -0.10 -10.35 5.08
CA ALA B 385 0.42 -11.26 4.09
C ALA B 385 -0.38 -12.56 4.03
N ALA B 386 -0.92 -13.01 5.16
CA ALA B 386 -1.64 -14.28 5.19
C ALA B 386 -3.06 -14.16 4.63
N GLN B 387 -3.57 -12.95 4.46
CA GLN B 387 -4.94 -12.76 4.01
C GLN B 387 -5.05 -13.05 2.51
N PRO B 388 -6.26 -13.33 2.01
CA PRO B 388 -6.41 -13.65 0.60
C PRO B 388 -6.18 -12.44 -0.29
N TYR B 389 -6.07 -12.72 -1.60
CA TYR B 389 -5.56 -11.73 -2.54
C TYR B 389 -6.46 -10.50 -2.63
N LEU B 390 -7.77 -10.70 -2.68
CA LEU B 390 -8.69 -9.57 -2.80
C LEU B 390 -8.73 -8.70 -1.56
N LEU B 391 -8.14 -9.15 -0.45
CA LEU B 391 -8.13 -8.38 0.78
C LEU B 391 -6.74 -7.87 1.14
N ARG B 392 -5.70 -8.24 0.39
CA ARG B 392 -4.34 -7.78 0.67
C ARG B 392 -4.20 -6.33 0.22
N ASN B 393 -4.88 -5.45 0.95
CA ASN B 393 -4.81 -4.01 0.75
C ASN B 393 -5.25 -3.36 2.04
N GLY B 394 -4.97 -2.05 2.16
CA GLY B 394 -5.48 -1.30 3.29
C GLY B 394 -7.00 -1.32 3.33
N ALA B 395 -7.54 -1.31 4.56
CA ALA B 395 -8.98 -1.44 4.74
C ALA B 395 -9.74 -0.40 3.95
N ASN B 396 -9.13 0.77 3.76
CA ASN B 396 -9.56 1.72 2.74
C ASN B 396 -8.30 2.23 2.04
N GLU B 397 -8.48 3.13 1.08
CA GLU B 397 -7.32 3.58 0.31
C GLU B 397 -6.43 4.52 1.12
N GLY B 398 -6.94 5.06 2.22
CA GLY B 398 -6.22 6.05 3.00
C GLY B 398 -5.41 5.53 4.18
N PHE B 399 -5.41 4.23 4.44
CA PHE B 399 -4.65 3.67 5.55
C PHE B 399 -3.17 3.54 5.26
N HIS B 400 -2.81 3.04 4.08
CA HIS B 400 -1.41 2.73 3.80
C HIS B 400 -0.52 3.95 3.97
N GLU B 401 -0.89 5.06 3.32
CA GLU B 401 -0.06 6.25 3.38
C GLU B 401 -0.06 6.87 4.77
N ALA B 402 -1.20 6.83 5.47
CA ALA B 402 -1.24 7.36 6.83
C ALA B 402 -0.36 6.55 7.77
N VAL B 403 -0.42 5.22 7.66
CA VAL B 403 0.42 4.36 8.49
C VAL B 403 1.89 4.59 8.16
N GLY B 404 2.19 4.85 6.88
CA GLY B 404 3.55 5.21 6.54
C GLY B 404 4.00 6.52 7.16
N GLU B 405 3.13 7.52 7.12
CA GLU B 405 3.52 8.87 7.53
C GLU B 405 3.59 9.01 9.05
N ILE B 406 2.83 8.23 9.81
CA ILE B 406 2.92 8.34 11.26
C ILE B 406 4.32 7.95 11.74
N MET B 407 4.94 6.97 11.09
CA MET B 407 6.31 6.61 11.45
C MET B 407 7.26 7.77 11.20
N SER B 408 7.10 8.45 10.06
CA SER B 408 7.94 9.60 9.77
C SER B 408 7.74 10.70 10.80
N LEU B 409 6.49 10.97 11.17
CA LEU B 409 6.21 12.00 12.16
C LEU B 409 6.82 11.65 13.51
N SER B 410 6.72 10.37 13.91
CA SER B 410 7.34 9.94 15.16
C SER B 410 8.84 10.09 15.12
N ALA B 411 9.47 9.74 14.00
CA ALA B 411 10.92 9.85 13.88
C ALA B 411 11.39 11.29 13.75
N ALA B 412 10.48 12.23 13.47
CA ALA B 412 10.88 13.63 13.27
C ALA B 412 11.12 14.38 14.57
N THR B 413 10.65 13.85 15.70
CA THR B 413 10.82 14.54 16.97
C THR B 413 12.28 14.54 17.39
N PRO B 414 12.76 15.57 18.09
CA PRO B 414 14.18 15.58 18.48
C PRO B 414 14.50 14.64 19.63
N HIS B 415 13.48 14.16 20.35
CA HIS B 415 13.73 13.18 21.41
C HIS B 415 14.31 11.89 20.83
N TYR B 416 13.77 11.45 19.70
CA TYR B 416 14.33 10.28 19.03
C TYR B 416 15.77 10.55 18.58
N LEU B 417 16.03 11.74 18.04
CA LEU B 417 17.37 12.07 17.58
C LEU B 417 18.37 12.04 18.74
N LYS B 418 17.95 12.55 19.91
CA LYS B 418 18.81 12.47 21.09
C LYS B 418 18.99 11.02 21.54
N ALA B 419 17.91 10.23 21.51
CA ALA B 419 17.98 8.87 22.02
C ALA B 419 18.92 7.99 21.18
N LEU B 420 18.84 8.12 19.86
CA LEU B 420 19.67 7.34 18.97
C LEU B 420 21.07 7.94 18.84
N GLY B 421 21.31 9.10 19.45
CA GLY B 421 22.61 9.70 19.41
C GLY B 421 22.90 10.52 18.17
N LEU B 422 21.90 10.70 17.31
CA LEU B 422 22.07 11.52 16.12
C LEU B 422 21.99 13.01 16.41
N LEU B 423 21.56 13.39 17.61
CA LEU B 423 21.58 14.78 18.06
C LEU B 423 22.34 14.80 19.38
N ALA B 424 23.14 15.83 19.60
CA ALA B 424 24.03 15.91 20.76
C ALA B 424 23.24 15.85 22.05
N PRO B 425 23.57 14.92 22.96
CA PRO B 425 22.81 14.82 24.21
C PRO B 425 22.84 16.07 25.06
N ASP B 426 23.92 16.85 25.01
CA ASP B 426 23.99 18.10 25.74
C ASP B 426 23.16 19.17 25.04
N PHE B 427 21.85 18.95 24.98
CA PHE B 427 20.96 19.82 24.24
C PHE B 427 19.58 19.76 24.87
N HIS B 428 18.90 20.90 24.88
CA HIS B 428 17.57 21.02 25.44
C HIS B 428 16.63 21.57 24.38
N GLU B 429 15.37 21.13 24.44
CA GLU B 429 14.36 21.56 23.48
C GLU B 429 14.28 23.08 23.48
N ASP B 430 14.57 23.69 22.33
CA ASP B 430 14.67 25.14 22.22
C ASP B 430 13.34 25.70 21.73
N ASN B 431 12.90 26.79 22.37
CA ASN B 431 11.57 27.34 22.26
C ASN B 431 11.23 27.80 20.83
N GLU B 432 11.94 28.81 20.36
CA GLU B 432 11.63 29.36 19.04
C GLU B 432 12.04 28.43 17.92
N THR B 433 12.91 27.46 18.20
CA THR B 433 13.22 26.44 17.19
C THR B 433 12.06 25.47 17.03
N GLU B 434 11.47 25.02 18.15
CA GLU B 434 10.32 24.14 18.03
C GLU B 434 9.10 24.88 17.52
N ILE B 435 9.05 26.21 17.72
CA ILE B 435 8.01 27.00 17.07
C ILE B 435 8.12 26.85 15.55
N ASN B 436 9.33 27.03 15.03
CA ASN B 436 9.59 26.86 13.60
C ASN B 436 9.28 25.43 13.17
N PHE B 437 9.56 24.47 14.06
CA PHE B 437 9.32 23.06 13.77
C PHE B 437 7.83 22.78 13.57
N LEU B 438 7.01 23.27 14.51
CA LEU B 438 5.56 23.19 14.34
C LEU B 438 5.11 23.90 13.07
N LEU B 439 5.70 25.04 12.74
CA LEU B 439 5.38 25.68 11.47
C LEU B 439 5.73 24.78 10.29
N LYS B 440 6.84 24.05 10.39
CA LYS B 440 7.27 23.16 9.32
C LYS B 440 6.19 22.11 9.06
N GLN B 441 5.77 21.40 10.11
CA GLN B 441 4.76 20.37 9.89
C GLN B 441 3.36 20.95 9.73
N ALA B 442 3.19 22.24 10.00
CA ALA B 442 1.90 22.86 9.77
C ALA B 442 1.71 23.19 8.28
N LEU B 443 2.60 24.02 7.73
CA LEU B 443 2.41 24.47 6.36
C LEU B 443 2.57 23.36 5.33
N THR B 444 3.11 22.21 5.72
CA THR B 444 3.22 21.10 4.78
C THR B 444 1.96 20.24 4.77
N ILE B 445 1.06 20.45 5.73
CA ILE B 445 -0.15 19.64 5.84
C ILE B 445 -1.41 20.47 5.60
N VAL B 446 -1.66 21.47 6.45
CA VAL B 446 -2.92 22.19 6.41
C VAL B 446 -3.08 22.94 5.10
N GLY B 447 -1.98 23.25 4.44
CA GLY B 447 -2.06 23.89 3.13
C GLY B 447 -2.75 23.00 2.11
N THR B 448 -2.59 21.68 2.25
CA THR B 448 -3.21 20.74 1.33
C THR B 448 -4.70 20.59 1.56
N LEU B 449 -5.17 20.78 2.80
CA LEU B 449 -6.55 20.41 3.14
C LEU B 449 -7.57 21.12 2.27
N PRO B 450 -7.78 22.44 2.37
CA PRO B 450 -8.89 23.05 1.62
C PRO B 450 -8.86 22.76 0.13
N PHE B 451 -7.66 22.75 -0.46
CA PHE B 451 -7.54 22.51 -1.89
C PHE B 451 -7.94 21.08 -2.26
N THR B 452 -7.55 20.09 -1.44
CA THR B 452 -7.97 18.72 -1.71
C THR B 452 -9.46 18.53 -1.48
N TYR B 453 -9.97 18.98 -0.32
CA TYR B 453 -11.42 19.05 -0.13
C TYR B 453 -12.09 19.55 -1.39
N MET B 454 -11.55 20.60 -1.97
CA MET B 454 -12.33 21.47 -2.83
C MET B 454 -12.32 20.96 -4.27
N LEU B 455 -11.16 20.49 -4.73
CA LEU B 455 -11.12 19.72 -5.97
C LEU B 455 -12.06 18.54 -5.88
N GLU B 456 -12.10 17.86 -4.72
CA GLU B 456 -12.96 16.69 -4.62
C GLU B 456 -14.44 17.09 -4.68
N LYS B 457 -14.82 18.19 -4.03
CA LYS B 457 -16.21 18.65 -4.12
C LYS B 457 -16.59 19.03 -5.54
N TRP B 458 -15.71 19.74 -6.25
CA TRP B 458 -16.01 20.02 -7.66
C TRP B 458 -16.13 18.79 -8.52
N ARG B 459 -15.29 17.77 -8.30
CA ARG B 459 -15.53 16.57 -9.10
C ARG B 459 -16.85 15.91 -8.73
N TRP B 460 -17.22 15.97 -7.44
CA TRP B 460 -18.54 15.47 -7.04
C TRP B 460 -19.65 16.19 -7.80
N MET B 461 -19.66 17.51 -7.77
CA MET B 461 -20.72 18.25 -8.44
C MET B 461 -20.64 18.17 -9.96
N VAL B 462 -19.45 17.98 -10.51
CA VAL B 462 -19.31 17.79 -11.95
C VAL B 462 -20.02 16.51 -12.37
N PHE B 463 -19.77 15.41 -11.64
CA PHE B 463 -20.43 14.16 -12.02
C PHE B 463 -21.91 14.19 -11.65
N LYS B 464 -22.27 14.93 -10.60
CA LYS B 464 -23.68 15.07 -10.23
C LYS B 464 -24.46 15.87 -11.26
N GLY B 465 -23.82 16.80 -11.96
CA GLY B 465 -24.48 17.60 -12.96
C GLY B 465 -25.29 18.77 -12.46
N GLU B 466 -25.12 19.16 -11.19
CA GLU B 466 -25.85 20.30 -10.66
C GLU B 466 -25.44 21.61 -11.33
N ILE B 467 -24.29 21.65 -11.99
CA ILE B 467 -23.83 22.85 -12.69
C ILE B 467 -23.76 22.55 -14.18
N PRO B 468 -24.31 23.40 -15.03
CA PRO B 468 -24.22 23.18 -16.47
C PRO B 468 -22.84 23.49 -17.01
N LYS B 469 -22.72 23.42 -18.34
CA LYS B 469 -21.42 23.46 -18.99
C LYS B 469 -20.85 24.87 -18.99
N GLN B 470 -21.68 25.89 -18.79
CA GLN B 470 -21.30 27.25 -19.17
C GLN B 470 -20.83 28.14 -18.01
N GLN B 471 -20.77 27.67 -16.75
CA GLN B 471 -20.18 28.51 -15.70
C GLN B 471 -19.34 27.70 -14.72
N TRP B 472 -18.75 26.60 -15.20
CA TRP B 472 -17.84 25.81 -14.37
C TRP B 472 -16.78 26.71 -13.72
N MET B 473 -15.97 27.37 -14.54
CA MET B 473 -14.86 28.18 -14.03
C MET B 473 -15.35 29.32 -13.16
N GLU B 474 -16.45 29.97 -13.53
CA GLU B 474 -16.96 31.08 -12.75
C GLU B 474 -17.30 30.63 -11.33
N LYS B 475 -18.08 29.56 -11.20
CA LYS B 475 -18.44 29.08 -9.87
C LYS B 475 -17.22 28.54 -9.12
N TRP B 476 -16.35 27.79 -9.84
CA TRP B 476 -15.08 27.36 -9.29
C TRP B 476 -14.37 28.50 -8.57
N TRP B 477 -14.08 29.59 -9.30
CA TRP B 477 -13.23 30.63 -8.74
C TRP B 477 -13.98 31.51 -7.75
N GLU B 478 -15.30 31.65 -7.87
CA GLU B 478 -16.02 32.42 -6.85
C GLU B 478 -15.99 31.71 -5.50
N MET B 479 -16.24 30.40 -5.49
CA MET B 479 -16.17 29.74 -4.19
C MET B 479 -14.74 29.39 -3.81
N LYS B 480 -13.80 29.49 -4.76
CA LYS B 480 -12.38 29.54 -4.39
C LYS B 480 -12.08 30.80 -3.61
N ARG B 481 -12.66 31.91 -4.03
CA ARG B 481 -12.53 33.14 -3.26
C ARG B 481 -13.18 33.02 -1.88
N GLU B 482 -14.33 32.36 -1.79
CA GLU B 482 -15.06 32.42 -0.51
C GLU B 482 -14.63 31.33 0.47
N ILE B 483 -14.03 30.23 0.01
CA ILE B 483 -13.63 29.13 0.90
C ILE B 483 -12.12 29.13 1.15
N VAL B 484 -11.32 29.01 0.09
CA VAL B 484 -9.86 28.93 0.27
C VAL B 484 -9.21 30.30 0.35
N GLY B 485 -9.95 31.36 0.02
CA GLY B 485 -9.34 32.67 -0.04
C GLY B 485 -8.32 32.77 -1.15
N VAL B 486 -8.65 32.28 -2.34
CA VAL B 486 -7.77 32.33 -3.49
C VAL B 486 -8.50 33.05 -4.61
N VAL B 487 -7.83 34.03 -5.22
CA VAL B 487 -8.41 34.86 -6.27
C VAL B 487 -7.59 34.66 -7.54
N GLU B 488 -8.29 34.56 -8.67
CA GLU B 488 -7.62 34.55 -9.96
C GLU B 488 -6.85 35.86 -10.16
N PRO B 489 -5.55 35.80 -10.44
CA PRO B 489 -4.86 37.00 -10.91
C PRO B 489 -5.00 37.23 -12.40
N LEU B 490 -5.74 36.37 -13.10
CA LEU B 490 -6.32 36.68 -14.40
C LEU B 490 -7.73 36.12 -14.42
N PRO B 491 -8.75 36.94 -14.71
CA PRO B 491 -10.08 36.39 -14.94
C PRO B 491 -10.07 35.43 -16.11
N HIS B 492 -10.77 34.31 -15.94
CA HIS B 492 -10.88 33.30 -16.98
C HIS B 492 -12.35 32.93 -17.16
N ASP B 493 -12.71 32.68 -18.42
CA ASP B 493 -14.08 32.39 -18.78
C ASP B 493 -14.29 30.88 -18.85
N GLU B 494 -15.46 30.47 -19.34
CA GLU B 494 -15.80 29.05 -19.47
C GLU B 494 -14.93 28.32 -20.49
N THR B 495 -14.17 29.06 -21.29
CA THR B 495 -13.25 28.42 -22.22
C THR B 495 -11.98 27.94 -21.53
N TYR B 496 -12.01 27.74 -20.22
CA TYR B 496 -10.86 27.27 -19.45
C TYR B 496 -11.21 26.01 -18.65
N CYS B 497 -10.19 25.18 -18.42
CA CYS B 497 -10.25 24.03 -17.50
C CYS B 497 -8.99 23.97 -16.66
N ASP B 498 -8.66 25.09 -16.00
CA ASP B 498 -7.42 25.20 -15.23
C ASP B 498 -7.15 24.07 -14.24
N PRO B 499 -8.09 23.65 -13.39
CA PRO B 499 -7.71 22.68 -12.34
C PRO B 499 -7.40 21.29 -12.89
N ALA B 500 -7.73 21.01 -14.15
CA ALA B 500 -7.38 19.74 -14.76
C ALA B 500 -5.88 19.55 -14.91
N CYS B 501 -5.09 20.61 -14.79
CA CYS B 501 -3.64 20.55 -15.01
C CYS B 501 -2.89 19.76 -13.95
N LEU B 502 -3.52 19.42 -12.82
CA LEU B 502 -2.85 18.65 -11.79
C LEU B 502 -2.64 17.21 -12.24
N PHE B 503 -1.72 16.53 -11.55
CA PHE B 503 -1.38 15.16 -11.92
C PHE B 503 -2.55 14.21 -11.74
N HIS B 504 -3.07 14.10 -10.53
CA HIS B 504 -4.01 13.03 -10.21
C HIS B 504 -5.34 13.22 -10.95
N VAL B 505 -5.81 14.46 -11.08
CA VAL B 505 -7.01 14.71 -11.87
C VAL B 505 -6.78 14.34 -13.33
N ALA B 506 -5.54 14.48 -13.79
CA ALA B 506 -5.18 14.17 -15.17
C ALA B 506 -5.14 12.67 -15.45
N GLU B 507 -5.09 11.83 -14.42
CA GLU B 507 -4.93 10.40 -14.60
C GLU B 507 -5.85 9.60 -13.68
N ASP B 508 -6.97 10.21 -13.28
CA ASP B 508 -8.13 9.49 -12.76
C ASP B 508 -7.81 8.72 -11.47
N TYR B 509 -7.42 9.48 -10.43
CA TYR B 509 -7.35 8.99 -9.06
C TYR B 509 -8.17 9.88 -8.15
N SER B 510 -8.64 9.30 -7.03
CA SER B 510 -9.39 10.06 -6.04
C SER B 510 -8.45 10.96 -5.22
N PHE B 511 -9.05 11.86 -4.45
CA PHE B 511 -8.31 12.79 -3.61
C PHE B 511 -8.63 12.69 -2.13
N ILE B 512 -9.78 12.12 -1.76
CA ILE B 512 -10.07 11.88 -0.34
C ILE B 512 -9.05 10.96 0.29
N ARG B 513 -8.33 10.18 -0.53
CA ARG B 513 -7.18 9.43 -0.03
C ARG B 513 -6.24 10.31 0.76
N TYR B 514 -5.97 11.52 0.26
CA TYR B 514 -5.11 12.44 0.99
C TYR B 514 -5.77 12.93 2.27
N TYR B 515 -7.07 13.24 2.21
CA TYR B 515 -7.78 13.66 3.41
C TYR B 515 -7.88 12.54 4.44
N THR B 516 -8.27 11.33 4.00
CA THR B 516 -8.33 10.22 4.93
C THR B 516 -6.96 9.93 5.51
N ARG B 517 -5.91 9.96 4.69
CA ARG B 517 -4.56 9.85 5.23
C ARG B 517 -4.32 10.89 6.31
N THR B 518 -4.60 12.16 6.01
CA THR B 518 -4.23 13.25 6.92
C THR B 518 -4.95 13.14 8.26
N ILE B 519 -6.26 12.87 8.25
CA ILE B 519 -6.99 12.78 9.51
C ILE B 519 -6.70 11.47 10.23
N TYR B 520 -6.61 10.36 9.49
CA TYR B 520 -6.41 9.06 10.11
C TYR B 520 -5.04 8.96 10.76
N GLN B 521 -4.03 9.59 10.15
CA GLN B 521 -2.70 9.52 10.74
C GLN B 521 -2.65 10.23 12.08
N PHE B 522 -3.32 11.37 12.21
CA PHE B 522 -3.42 12.01 13.51
C PHE B 522 -4.27 11.22 14.49
N GLN B 523 -5.33 10.57 14.02
CA GLN B 523 -6.10 9.70 14.91
C GLN B 523 -5.23 8.57 15.45
N PHE B 524 -4.47 7.91 14.58
CA PHE B 524 -3.59 6.84 15.01
C PHE B 524 -2.51 7.36 15.95
N HIS B 525 -1.93 8.53 15.65
CA HIS B 525 -0.89 9.06 16.52
C HIS B 525 -1.46 9.39 17.89
N GLU B 526 -2.65 9.97 17.94
CA GLU B 526 -3.32 10.23 19.21
C GLU B 526 -3.50 8.94 20.00
N ALA B 527 -4.06 7.91 19.36
CA ALA B 527 -4.31 6.66 20.07
C ALA B 527 -3.01 6.03 20.56
N LEU B 528 -1.98 6.02 19.70
CA LEU B 528 -0.70 5.41 20.07
C LEU B 528 -0.03 6.16 21.21
N CYS B 529 -0.02 7.50 21.16
CA CYS B 529 0.61 8.24 22.24
C CYS B 529 -0.19 8.13 23.53
N LYS B 530 -1.51 7.95 23.43
CA LYS B 530 -2.29 7.65 24.63
C LYS B 530 -1.88 6.30 25.20
N THR B 531 -1.67 5.31 24.34
CA THR B 531 -1.19 4.02 24.81
C THR B 531 0.28 4.09 25.23
N ALA B 532 1.06 4.97 24.62
CA ALA B 532 2.47 5.14 24.97
C ALA B 532 2.66 5.83 26.31
N LYS B 533 1.59 6.34 26.92
CA LYS B 533 1.65 7.01 28.23
C LYS B 533 2.62 8.19 28.19
N HIS B 534 2.63 8.92 27.09
CA HIS B 534 3.46 10.11 26.97
C HIS B 534 2.77 11.32 27.57
N GLU B 535 3.53 12.11 28.31
CA GLU B 535 3.02 13.28 29.02
C GLU B 535 3.66 14.54 28.45
N GLY B 536 2.90 15.62 28.45
CA GLY B 536 3.39 16.91 28.00
C GLY B 536 2.89 17.29 26.63
N ALA B 537 3.74 18.04 25.91
CA ALA B 537 3.41 18.44 24.54
C ALA B 537 3.21 17.22 23.67
N LEU B 538 2.13 17.23 22.89
CA LEU B 538 1.78 16.06 22.10
C LEU B 538 2.64 15.93 20.85
N PHE B 539 3.15 17.04 20.32
CA PHE B 539 4.04 16.98 19.18
C PHE B 539 5.41 16.43 19.54
N LYS B 540 5.70 16.29 20.84
CA LYS B 540 6.96 15.70 21.31
C LYS B 540 6.81 14.22 21.62
N CYS B 541 5.65 13.62 21.33
CA CYS B 541 5.40 12.23 21.66
C CYS B 541 6.18 11.31 20.72
N ASP B 542 6.71 10.23 21.28
CA ASP B 542 7.45 9.22 20.53
C ASP B 542 6.92 7.85 20.86
N ILE B 543 6.76 7.00 19.84
CA ILE B 543 6.46 5.59 20.06
C ILE B 543 7.78 4.80 19.96
N SER B 544 8.47 4.68 21.09
CA SER B 544 9.72 3.93 21.17
C SER B 544 9.76 3.18 22.49
N ASN B 545 10.23 1.94 22.45
CA ASN B 545 10.23 1.05 23.60
C ASN B 545 8.84 0.96 24.22
N SER B 546 7.85 0.85 23.33
CA SER B 546 6.44 0.87 23.69
C SER B 546 5.69 -0.31 23.09
N THR B 547 6.22 -1.53 23.26
CA THR B 547 5.72 -2.71 22.56
C THR B 547 4.24 -2.97 22.78
N GLU B 548 3.66 -2.50 23.87
CA GLU B 548 2.22 -2.61 24.05
C GLU B 548 1.51 -1.79 22.98
N ALA B 549 2.04 -0.60 22.69
CA ALA B 549 1.49 0.21 21.60
C ALA B 549 1.72 -0.47 20.26
N GLY B 550 2.85 -1.17 20.11
CA GLY B 550 3.10 -1.91 18.90
C GLY B 550 2.08 -3.01 18.67
N GLN B 551 1.74 -3.75 19.74
CA GLN B 551 0.70 -4.77 19.63
C GLN B 551 -0.65 -4.13 19.34
N ARG B 552 -0.94 -2.99 19.97
CA ARG B 552 -2.16 -2.26 19.66
C ARG B 552 -2.25 -1.95 18.16
N LEU B 553 -1.16 -1.43 17.59
CA LEU B 553 -1.15 -1.12 16.17
C LEU B 553 -1.28 -2.38 15.33
N LEU B 554 -0.57 -3.44 15.69
CA LEU B 554 -0.60 -4.68 14.93
C LEU B 554 -2.00 -5.30 14.91
N GLN B 555 -2.77 -5.08 15.98
CA GLN B 555 -4.14 -5.56 16.03
C GLN B 555 -4.97 -5.07 14.86
N MET B 556 -4.69 -3.87 14.35
CA MET B 556 -5.29 -3.38 13.11
C MET B 556 -4.46 -3.71 11.88
N LEU B 557 -3.14 -3.70 12.02
CA LEU B 557 -2.26 -3.95 10.88
C LEU B 557 -2.58 -5.29 10.22
N ARG B 558 -2.81 -6.33 11.03
CA ARG B 558 -3.09 -7.64 10.45
C ARG B 558 -4.45 -7.74 9.78
N LEU B 559 -5.31 -6.73 9.91
CA LEU B 559 -6.70 -6.90 9.53
C LEU B 559 -6.93 -6.79 8.04
N GLY B 560 -6.26 -5.84 7.39
CA GLY B 560 -6.47 -5.66 5.95
C GLY B 560 -7.90 -5.28 5.63
N LYS B 561 -8.44 -5.88 4.57
CA LYS B 561 -9.78 -5.53 4.08
C LYS B 561 -10.83 -6.55 4.49
N SER B 562 -10.52 -7.48 5.39
CA SER B 562 -11.45 -8.57 5.68
C SER B 562 -12.74 -8.08 6.32
N GLU B 563 -12.66 -7.17 7.28
CA GLU B 563 -13.82 -6.59 7.94
C GLU B 563 -13.79 -5.07 7.78
N PRO B 564 -14.92 -4.37 8.00
CA PRO B 564 -15.01 -2.97 7.57
C PRO B 564 -13.96 -2.10 8.25
N TRP B 565 -13.50 -1.09 7.50
CA TRP B 565 -12.41 -0.25 7.96
C TRP B 565 -12.73 0.45 9.27
N THR B 566 -14.02 0.68 9.56
CA THR B 566 -14.37 1.37 10.80
C THR B 566 -14.09 0.49 12.02
N LEU B 567 -14.27 -0.83 11.89
CA LEU B 567 -13.88 -1.72 12.98
C LEU B 567 -12.38 -1.66 13.21
N ALA B 568 -11.60 -1.64 12.12
CA ALA B 568 -10.15 -1.50 12.25
C ALA B 568 -9.78 -0.18 12.92
N LEU B 569 -10.49 0.90 12.56
CA LEU B 569 -10.24 2.20 13.16
C LEU B 569 -10.55 2.17 14.67
N GLU B 570 -11.67 1.53 15.03
CA GLU B 570 -11.98 1.35 16.44
C GLU B 570 -10.92 0.53 17.16
N ASN B 571 -10.30 -0.42 16.47
CA ASN B 571 -9.29 -1.26 17.10
C ASN B 571 -8.08 -0.44 17.55
N ILE B 572 -7.95 0.79 17.06
CA ILE B 572 -6.90 1.70 17.51
C ILE B 572 -7.46 2.82 18.38
N VAL B 573 -8.48 3.52 17.90
CA VAL B 573 -9.02 4.67 18.60
C VAL B 573 -10.27 4.34 19.41
N GLY B 574 -11.06 3.35 19.00
CA GLY B 574 -12.32 3.06 19.64
C GLY B 574 -13.50 3.87 19.14
N ILE B 575 -13.33 4.61 18.05
CA ILE B 575 -14.38 5.45 17.49
C ILE B 575 -14.66 4.98 16.07
N LYS B 576 -15.94 4.82 15.76
CA LYS B 576 -16.39 4.29 14.48
C LYS B 576 -16.35 5.31 13.36
N THR B 577 -16.06 6.58 13.68
CA THR B 577 -16.08 7.63 12.67
C THR B 577 -14.83 8.48 12.82
N MET B 578 -14.43 9.11 11.72
CA MET B 578 -13.32 10.05 11.75
C MET B 578 -13.70 11.27 12.57
N ASP B 579 -12.70 11.90 13.20
CA ASP B 579 -12.95 13.04 14.06
C ASP B 579 -11.82 14.05 13.90
N VAL B 580 -12.12 15.30 14.27
CA VAL B 580 -11.17 16.40 14.14
C VAL B 580 -10.35 16.61 15.41
N LYS B 581 -10.70 15.94 16.51
CA LYS B 581 -10.00 16.20 17.77
C LYS B 581 -8.48 16.05 17.69
N PRO B 582 -7.88 15.07 16.98
CA PRO B 582 -6.42 15.09 16.89
C PRO B 582 -5.89 16.30 16.13
N LEU B 583 -6.62 16.75 15.11
CA LEU B 583 -6.23 17.96 14.38
C LEU B 583 -6.21 19.16 15.33
N LEU B 584 -7.25 19.31 16.14
CA LEU B 584 -7.31 20.43 17.07
C LEU B 584 -6.22 20.32 18.14
N ASN B 585 -6.04 19.12 18.70
CA ASN B 585 -5.14 18.96 19.84
C ASN B 585 -3.68 19.05 19.44
N TYR B 586 -3.35 18.60 18.23
CA TYR B 586 -1.95 18.57 17.81
C TYR B 586 -1.37 19.97 17.71
N PHE B 587 -2.15 20.94 17.26
CA PHE B 587 -1.68 22.30 17.02
C PHE B 587 -2.14 23.28 18.08
N GLU B 588 -2.46 22.80 19.28
CA GLU B 588 -3.02 23.69 20.31
C GLU B 588 -2.09 24.81 20.74
N PRO B 589 -0.89 24.54 21.29
CA PRO B 589 -0.05 25.69 21.71
C PRO B 589 0.34 26.57 20.54
N LEU B 590 0.52 25.95 19.37
CA LEU B 590 0.68 26.72 18.13
C LEU B 590 -0.47 27.69 17.95
N PHE B 591 -1.70 27.20 18.09
CA PHE B 591 -2.85 28.04 17.82
C PHE B 591 -3.04 29.09 18.91
N THR B 592 -2.55 28.83 20.13
CA THR B 592 -2.54 29.87 21.15
C THR B 592 -1.59 31.01 20.77
N TRP B 593 -0.38 30.67 20.34
CA TRP B 593 0.56 31.67 19.87
C TRP B 593 -0.05 32.50 18.75
N LEU B 594 -0.72 31.83 17.81
CA LEU B 594 -1.30 32.60 16.72
C LEU B 594 -2.54 33.40 17.13
N LYS B 595 -3.37 32.90 18.06
CA LYS B 595 -4.52 33.72 18.43
C LYS B 595 -4.06 34.96 19.17
N GLU B 596 -2.95 34.87 19.90
CA GLU B 596 -2.42 36.09 20.52
C GLU B 596 -1.71 36.96 19.48
N GLN B 597 -1.34 36.38 18.34
CA GLN B 597 -0.70 37.20 17.30
C GLN B 597 -1.71 37.96 16.42
N ASN B 598 -2.91 37.40 16.18
CA ASN B 598 -3.88 38.13 15.35
C ASN B 598 -4.68 39.19 16.10
N ARG B 599 -4.22 39.67 17.26
CA ARG B 599 -4.99 40.70 17.93
C ARG B 599 -4.92 42.04 17.19
N ASN B 600 -4.04 42.15 16.18
CA ASN B 600 -3.86 43.39 15.44
C ASN B 600 -3.99 43.21 13.93
N SER B 601 -4.67 42.16 13.49
CA SER B 601 -4.85 41.90 12.06
C SER B 601 -6.26 41.39 11.78
N PHE B 602 -6.72 41.63 10.55
CA PHE B 602 -8.06 41.20 10.17
C PHE B 602 -8.13 39.70 10.02
N VAL B 603 -9.26 39.11 10.45
CA VAL B 603 -9.54 37.69 10.26
C VAL B 603 -10.70 37.56 9.29
N GLY B 604 -10.51 36.76 8.24
CA GLY B 604 -11.49 36.60 7.19
C GLY B 604 -11.10 37.33 5.93
N TRP B 605 -11.77 36.96 4.83
CA TRP B 605 -11.43 37.48 3.52
C TRP B 605 -12.67 37.98 2.79
N SER B 606 -12.46 38.92 1.88
CA SER B 606 -13.53 39.46 1.05
C SER B 606 -13.44 38.85 -0.35
N THR B 607 -14.58 38.42 -0.89
CA THR B 607 -14.61 37.73 -2.17
C THR B 607 -14.63 38.67 -3.36
N GLU B 608 -14.88 39.96 -3.14
CA GLU B 608 -15.04 40.88 -4.27
C GLU B 608 -13.71 41.27 -4.89
N TRP B 609 -12.66 41.37 -4.09
CA TRP B 609 -11.40 41.93 -4.57
C TRP B 609 -10.67 40.96 -5.48
N THR B 610 -10.22 41.48 -6.63
CA THR B 610 -9.36 40.78 -7.56
C THR B 610 -8.22 41.72 -7.94
N PRO B 611 -7.03 41.18 -8.25
CA PRO B 611 -5.87 42.07 -8.45
C PRO B 611 -5.96 42.91 -9.71
N TYR B 612 -6.81 42.56 -10.68
CA TYR B 612 -7.01 43.38 -11.86
C TYR B 612 -8.27 44.23 -11.79
N SER B 613 -8.94 44.27 -10.64
CA SER B 613 -10.05 45.20 -10.42
C SER B 613 -9.50 46.42 -9.68
N ASP B 614 -9.13 47.44 -10.44
CA ASP B 614 -8.52 48.64 -9.85
C ASP B 614 -9.45 49.84 -10.00
#